data_6UJW
#
_entry.id   6UJW
#
_cell.length_a   90.964
_cell.length_b   138.836
_cell.length_c   196.765
_cell.angle_alpha   90.000
_cell.angle_beta   90.000
_cell.angle_gamma   90.000
#
_symmetry.space_group_name_H-M   'P 21 21 21'
#
loop_
_entity.id
_entity.type
_entity.pdbx_description
1 polymer 'ATP-dependent translocase ABCB1'
2 non-polymer '2,4-dibromophenyl 2,4,6-tribromophenyl ether'
#
_entity_poly.entity_id   1
_entity_poly.type   'polypeptide(L)'
_entity_poly.pdbx_seq_one_letter_code
;MELEEDLKGRADKNFSKMGKKSKKEKKEKKPAVSVLTMFRYAGWLDRLYMLVGTLAAIIHGVALPLMMLIFGDMTDSFAS
VGQVSKQSTQMSEADKRAMFAKLEEEMTTYAYYYTGIGAGVLIVAYIQVSFWCLAAGRQIHKIRQKFFHAIMNQEIGWFD
VHDVGELNTRLTDDVSKINEGIGDKIGMFFQAMATFFGGFIIGFTRGWKLTLVILAISPVLGLSAGIWAKILSSFTDKEL
HAYAKAGAVAEEVLAAIRTVIAFGGQKKELERYNNNLEEAKRLGIKKAITANISMGAAFLLIYASAALAFWYGTSLVISK
EYSIGQVLTVFFSVLIGAFSVGQASPNIEAFANARGAAYEVFKIIDNKPSIDSFSKSGHKPDNIQGNLEFKNIHFSYPSR
KEVQILKGLNLKVKSGQTVALVGNSGCGKSTTVQLMQRLYDPLDGMVSIDGQDIRTINVRYLREIIGVVSQEPVLFATTI
AENIRYGREDVTMDEIEKAVKEANAYDFIMKLPHQFDTLVGERGAQLSGGQKQRIAIARALVRNPKILLLDEATSALDTE
SEAVVQAALDKAREGRTTIVIAHRLSTVRNADVIAGFDGGVIVEQGNHDELMREKGIYFKLVMTQTAGNEIELGNEACKS
KDEIDNLDMSSKDSGSSLIRRRSTRKSICGPHDQDRKLSTKEALDEDVPPASFWRILKLNSTEWPYFVVGIFCAIINGGL
QPAFSVIFSKVVGVFTNGGPPETQRQNSNLFSLLFLILGIISFITFFLQGFTFGKAGEILTKRLRYMVFKSMLRQDVSWF
DDPKNTTGALTTRLANDAAQVKGATGSRLAVIFQNIANLGTGIIISLIYGWQLTLLLLAIVPIIAIAGVVEMKMLSGQAL
KDKKELEGSGKIATEAIENFRTVVSLTREQKFETMYAQSLQIPYRNAMKKAHVFGITFSFTQAMMYFSYAAAFRFGAYLV
TQQLMTFENVLLVFSAIVFGAMAVGQVSSFAPDYAKATVSASHIIRIIEKTPEIDSYSTQGLKPNMLEGNVQFSGVVFNY
PTRPSIPVLQGLSLEVKKGQTLALVGSSGCGKSTVVQLLERFYDPMAGSVFLDGKEIKQLNVQWLRAQLGIVSQEPILFD
CSIAENIAYGDNSRVVSYEEIVRAAKEANIHQFIDSLPDKYNTRVGDKGTQLSGGQKQRIAIARALVRQPHILLLDEATS
ALDTESEKVVQEALDKAREGRTCIVIAHRLSTIQNADLIVVIQNGKVKEHGTHQQLLAQKGIYFSMVSVQAGAKRSHHHH
HH
;
_entity_poly.pdbx_strand_id   A
#
loop_
_chem_comp.id
_chem_comp.type
_chem_comp.name
_chem_comp.formula
4C8 non-polymer '2,4-dibromophenyl 2,4,6-tribromophenyl ether' 'C12 H5 Br5 O'
#
# COMPACT_ATOMS: atom_id res chain seq x y z
N LYS A 30 -7.04 -16.76 -12.76
CA LYS A 30 -7.45 -18.07 -13.27
C LYS A 30 -8.16 -18.02 -14.64
N PRO A 31 -9.03 -17.04 -14.89
CA PRO A 31 -9.60 -16.90 -16.23
C PRO A 31 -8.65 -16.16 -17.17
N ALA A 32 -8.72 -16.53 -18.45
CA ALA A 32 -7.80 -16.00 -19.46
C ALA A 32 -8.54 -15.86 -20.78
N VAL A 33 -7.80 -15.54 -21.84
CA VAL A 33 -8.35 -15.16 -23.13
C VAL A 33 -7.73 -16.01 -24.24
N SER A 34 -8.49 -16.22 -25.31
CA SER A 34 -7.92 -16.79 -26.52
C SER A 34 -6.79 -15.92 -27.04
N VAL A 35 -5.74 -16.57 -27.54
CA VAL A 35 -4.58 -15.83 -28.02
C VAL A 35 -4.92 -14.98 -29.23
N LEU A 36 -5.83 -15.44 -30.08
CA LEU A 36 -6.17 -14.68 -31.28
C LEU A 36 -7.12 -13.53 -30.96
N THR A 37 -8.10 -13.76 -30.07
CA THR A 37 -9.03 -12.71 -29.71
C THR A 37 -8.32 -11.55 -29.03
N MET A 38 -7.21 -11.83 -28.33
CA MET A 38 -6.47 -10.77 -27.67
C MET A 38 -5.84 -9.80 -28.67
N PHE A 39 -5.45 -10.31 -29.84
CA PHE A 39 -4.87 -9.48 -30.89
C PHE A 39 -5.92 -9.07 -31.92
N ARG A 40 -7.21 -9.14 -31.57
CA ARG A 40 -8.27 -8.89 -32.54
C ARG A 40 -8.20 -7.50 -33.15
N TYR A 41 -7.55 -6.54 -32.48
CA TYR A 41 -7.43 -5.18 -32.98
C TYR A 41 -6.15 -4.95 -33.76
N ALA A 42 -5.39 -5.99 -34.03
CA ALA A 42 -4.17 -5.91 -34.82
C ALA A 42 -4.47 -6.38 -36.24
N GLY A 43 -4.22 -5.51 -37.21
CA GLY A 43 -4.47 -5.84 -38.61
C GLY A 43 -3.51 -5.12 -39.51
N TRP A 44 -3.32 -5.70 -40.70
CA TRP A 44 -2.41 -5.17 -41.71
C TRP A 44 -1.01 -4.97 -41.15
N LEU A 45 -0.69 -3.72 -40.80
CA LEU A 45 0.67 -3.37 -40.40
C LEU A 45 1.05 -3.99 -39.06
N ASP A 46 0.10 -4.03 -38.11
CA ASP A 46 0.40 -4.56 -36.78
C ASP A 46 0.85 -6.01 -36.87
N ARG A 47 0.21 -6.81 -37.72
CA ARG A 47 0.63 -8.19 -37.91
C ARG A 47 2.02 -8.27 -38.55
N LEU A 48 2.36 -7.28 -39.37
CA LEU A 48 3.67 -7.25 -40.03
C LEU A 48 4.76 -6.78 -39.07
N TYR A 49 4.49 -5.69 -38.34
CA TYR A 49 5.42 -5.23 -37.31
C TYR A 49 5.85 -6.36 -36.40
N MET A 50 4.88 -7.13 -35.91
CA MET A 50 5.19 -8.26 -35.05
C MET A 50 6.02 -9.31 -35.79
N LEU A 51 5.69 -9.56 -37.06
CA LEU A 51 6.42 -10.55 -37.83
C LEU A 51 7.87 -10.13 -38.04
N VAL A 52 8.08 -8.89 -38.50
CA VAL A 52 9.45 -8.39 -38.63
C VAL A 52 10.08 -8.20 -37.26
N GLY A 53 9.30 -7.77 -36.28
CA GLY A 53 9.82 -7.62 -34.94
C GLY A 53 10.30 -8.93 -34.35
N THR A 54 9.43 -9.94 -34.36
CA THR A 54 9.83 -11.25 -33.84
C THR A 54 10.95 -11.85 -34.68
N LEU A 55 11.02 -11.51 -35.97
CA LEU A 55 12.10 -11.99 -36.81
C LEU A 55 13.43 -11.42 -36.36
N ALA A 56 13.56 -10.09 -36.36
CA ALA A 56 14.79 -9.45 -35.91
C ALA A 56 15.11 -9.80 -34.47
N ALA A 57 14.09 -10.04 -33.65
CA ALA A 57 14.32 -10.47 -32.27
C ALA A 57 15.02 -11.83 -32.24
N ILE A 58 14.59 -12.76 -33.10
CA ILE A 58 15.26 -14.05 -33.19
C ILE A 58 16.67 -13.87 -33.73
N ILE A 59 16.83 -12.97 -34.70
CA ILE A 59 18.17 -12.67 -35.21
C ILE A 59 19.05 -12.11 -34.09
N HIS A 60 18.47 -11.25 -33.24
CA HIS A 60 19.23 -10.67 -32.14
C HIS A 60 19.71 -11.76 -31.17
N GLY A 61 18.84 -12.70 -30.83
CA GLY A 61 19.23 -13.75 -29.90
C GLY A 61 20.30 -14.67 -30.47
N VAL A 62 20.09 -15.15 -31.70
CA VAL A 62 21.08 -16.00 -32.36
C VAL A 62 22.47 -15.37 -32.40
N ALA A 63 22.56 -14.03 -32.36
CA ALA A 63 23.84 -13.36 -32.53
C ALA A 63 24.83 -13.65 -31.40
N LEU A 64 24.34 -13.90 -30.19
CA LEU A 64 25.26 -14.08 -29.06
C LEU A 64 25.99 -15.41 -29.11
N PRO A 65 25.32 -16.57 -29.27
CA PRO A 65 26.08 -17.83 -29.30
C PRO A 65 27.04 -17.94 -30.47
N LEU A 66 26.77 -17.26 -31.59
CA LEU A 66 27.74 -17.21 -32.68
C LEU A 66 28.99 -16.42 -32.27
N MET A 67 28.79 -15.30 -31.56
CA MET A 67 29.90 -14.55 -30.99
C MET A 67 30.77 -15.44 -30.11
N MET A 68 30.16 -16.44 -29.46
CA MET A 68 30.92 -17.41 -28.67
C MET A 68 31.57 -18.47 -29.55
N LEU A 69 30.92 -18.85 -30.64
CA LEU A 69 31.53 -19.80 -31.57
C LEU A 69 32.82 -19.22 -32.16
N ILE A 70 32.83 -17.93 -32.48
CA ILE A 70 34.04 -17.30 -32.99
C ILE A 70 35.12 -17.25 -31.92
N PHE A 71 34.73 -17.08 -30.65
CA PHE A 71 35.70 -17.07 -29.56
C PHE A 71 36.45 -18.40 -29.47
N GLY A 72 35.91 -19.48 -30.02
CA GLY A 72 36.63 -20.73 -30.09
C GLY A 72 37.64 -20.76 -31.22
N ASP A 73 37.25 -20.21 -32.38
CA ASP A 73 38.14 -20.19 -33.53
C ASP A 73 39.33 -19.26 -33.30
N MET A 74 39.14 -18.17 -32.55
CA MET A 74 40.28 -17.32 -32.20
C MET A 74 41.24 -18.04 -31.26
N THR A 75 40.71 -18.93 -30.41
CA THR A 75 41.57 -19.69 -29.50
C THR A 75 42.47 -20.65 -30.27
N ASP A 76 41.89 -21.39 -31.22
CA ASP A 76 42.67 -22.33 -32.02
C ASP A 76 43.77 -21.62 -32.81
N SER A 77 43.52 -20.39 -33.23
CA SER A 77 44.55 -19.62 -33.93
C SER A 77 45.72 -19.32 -33.01
N PHE A 78 45.43 -18.83 -31.80
CA PHE A 78 46.47 -18.65 -30.80
C PHE A 78 47.01 -20.00 -30.31
N ALA A 79 46.19 -21.04 -30.33
CA ALA A 79 46.62 -22.34 -29.82
C ALA A 79 47.58 -23.02 -30.77
N SER A 80 47.32 -22.95 -32.09
CA SER A 80 48.24 -23.53 -33.05
C SER A 80 49.58 -22.80 -33.02
N VAL A 81 49.56 -21.48 -32.92
CA VAL A 81 50.79 -20.71 -32.76
C VAL A 81 51.36 -20.86 -31.35
N GLY A 82 50.50 -20.94 -30.33
CA GLY A 82 50.98 -21.15 -28.97
C GLY A 82 51.68 -22.49 -28.79
N GLN A 83 51.29 -23.50 -29.56
CA GLN A 83 51.96 -24.80 -29.49
C GLN A 83 53.25 -24.81 -30.31
N VAL A 84 53.23 -24.18 -31.49
CA VAL A 84 54.40 -24.19 -32.36
C VAL A 84 55.48 -23.22 -31.86
N SER A 85 55.07 -22.09 -31.25
CA SER A 85 56.05 -21.12 -30.77
C SER A 85 56.92 -21.71 -29.67
N LYS A 86 56.31 -22.39 -28.71
CA LYS A 86 57.07 -23.07 -27.65
C LYS A 86 57.71 -24.37 -28.14
N GLN A 87 57.22 -24.94 -29.24
CA GLN A 87 57.79 -26.15 -29.80
C GLN A 87 59.17 -25.91 -30.42
N SER A 88 59.51 -24.66 -30.70
CA SER A 88 60.77 -24.33 -31.37
C SER A 88 61.97 -24.49 -30.44
N THR A 89 62.18 -23.48 -29.57
CA THR A 89 63.38 -23.40 -28.72
C THR A 89 64.66 -23.49 -29.56
N GLN A 90 64.58 -23.06 -30.81
CA GLN A 90 65.73 -23.08 -31.71
C GLN A 90 65.83 -21.79 -32.50
N MET A 91 64.84 -21.54 -33.36
CA MET A 91 64.82 -20.38 -34.23
C MET A 91 63.86 -19.34 -33.68
N SER A 92 64.28 -18.07 -33.72
CA SER A 92 63.49 -16.96 -33.21
C SER A 92 62.91 -16.11 -34.32
N GLU A 93 63.76 -15.55 -35.18
CA GLU A 93 63.28 -14.72 -36.29
C GLU A 93 62.36 -15.49 -37.23
N ALA A 94 62.48 -16.83 -37.26
CA ALA A 94 61.59 -17.62 -38.09
C ALA A 94 60.17 -17.64 -37.54
N ASP A 95 60.03 -17.49 -36.22
CA ASP A 95 58.72 -17.40 -35.59
C ASP A 95 58.12 -16.00 -35.69
N LYS A 96 58.91 -15.01 -36.10
CA LYS A 96 58.40 -13.68 -36.40
C LYS A 96 57.74 -13.60 -37.77
N ARG A 97 57.67 -14.72 -38.49
CA ARG A 97 57.19 -14.75 -39.88
C ARG A 97 55.89 -15.54 -40.00
N ALA A 98 55.95 -16.87 -39.90
CA ALA A 98 54.77 -17.70 -40.15
C ALA A 98 53.70 -17.47 -39.08
N MET A 99 54.10 -17.26 -37.83
CA MET A 99 53.14 -17.05 -36.76
C MET A 99 52.39 -15.74 -36.96
N PHE A 100 53.14 -14.63 -37.09
CA PHE A 100 52.51 -13.32 -37.24
C PHE A 100 51.62 -13.26 -38.48
N ALA A 101 52.01 -13.93 -39.55
CA ALA A 101 51.20 -13.95 -40.76
C ALA A 101 49.88 -14.69 -40.52
N LYS A 102 49.95 -15.84 -39.84
CA LYS A 102 48.73 -16.54 -39.46
C LYS A 102 47.86 -15.67 -38.57
N LEU A 103 48.45 -15.04 -37.55
CA LEU A 103 47.69 -14.12 -36.70
C LEU A 103 47.13 -12.96 -37.50
N GLU A 104 47.89 -12.46 -38.48
CA GLU A 104 47.41 -11.31 -39.26
C GLU A 104 46.14 -11.67 -40.04
N GLU A 105 46.17 -12.76 -40.81
CA GLU A 105 45.01 -13.11 -41.62
C GLU A 105 43.85 -13.62 -40.77
N GLU A 106 44.14 -14.31 -39.67
CA GLU A 106 43.08 -14.86 -38.83
C GLU A 106 42.41 -13.77 -38.00
N MET A 107 43.20 -13.02 -37.23
CA MET A 107 42.63 -12.01 -36.34
C MET A 107 41.86 -10.95 -37.12
N THR A 108 42.37 -10.57 -38.31
CA THR A 108 41.63 -9.63 -39.15
C THR A 108 40.32 -10.25 -39.63
N THR A 109 40.29 -11.56 -39.88
CA THR A 109 39.05 -12.21 -40.30
C THR A 109 38.05 -12.24 -39.15
N TYR A 110 38.51 -12.60 -37.95
CA TYR A 110 37.59 -12.66 -36.81
C TYR A 110 37.12 -11.27 -36.40
N ALA A 111 38.03 -10.29 -36.39
CA ALA A 111 37.64 -8.92 -36.06
C ALA A 111 36.68 -8.37 -37.10
N TYR A 112 36.88 -8.74 -38.37
CA TYR A 112 35.94 -8.36 -39.42
C TYR A 112 34.57 -8.98 -39.15
N TYR A 113 34.54 -10.26 -38.76
CA TYR A 113 33.28 -10.89 -38.39
C TYR A 113 32.68 -10.25 -37.14
N TYR A 114 33.53 -9.91 -36.16
CA TYR A 114 33.04 -9.31 -34.93
C TYR A 114 32.33 -7.99 -35.19
N THR A 115 32.97 -7.10 -35.94
CA THR A 115 32.35 -5.82 -36.27
C THR A 115 31.03 -6.01 -37.00
N GLY A 116 30.90 -7.10 -37.76
CA GLY A 116 29.64 -7.36 -38.44
C GLY A 116 28.52 -7.72 -37.48
N ILE A 117 28.82 -8.53 -36.47
CA ILE A 117 27.80 -8.92 -35.50
C ILE A 117 27.25 -7.70 -34.77
N GLY A 118 28.14 -6.76 -34.41
CA GLY A 118 27.71 -5.59 -33.67
C GLY A 118 26.78 -4.71 -34.48
N ALA A 119 27.07 -4.52 -35.77
CA ALA A 119 26.14 -3.80 -36.63
C ALA A 119 24.84 -4.58 -36.79
N GLY A 120 24.90 -5.90 -36.76
CA GLY A 120 23.69 -6.70 -36.82
C GLY A 120 22.80 -6.46 -35.61
N VAL A 121 23.36 -6.59 -34.41
CA VAL A 121 22.56 -6.38 -33.20
C VAL A 121 22.10 -4.93 -33.11
N LEU A 122 22.86 -4.00 -33.70
CA LEU A 122 22.42 -2.61 -33.71
C LEU A 122 21.12 -2.44 -34.49
N ILE A 123 21.01 -3.14 -35.62
CA ILE A 123 19.82 -3.00 -36.45
C ILE A 123 18.66 -3.81 -35.88
N VAL A 124 18.90 -5.08 -35.57
CA VAL A 124 17.80 -5.95 -35.16
C VAL A 124 17.25 -5.53 -33.80
N ALA A 125 18.11 -5.04 -32.90
CA ALA A 125 17.61 -4.62 -31.59
C ALA A 125 16.73 -3.37 -31.70
N TYR A 126 17.01 -2.51 -32.68
CA TYR A 126 16.08 -1.43 -32.95
C TYR A 126 14.78 -1.96 -33.54
N ILE A 127 14.88 -2.77 -34.61
CA ILE A 127 13.69 -3.37 -35.21
C ILE A 127 12.90 -4.15 -34.16
N GLN A 128 13.61 -4.85 -33.28
CA GLN A 128 12.94 -5.67 -32.26
C GLN A 128 12.07 -4.82 -31.35
N VAL A 129 12.67 -3.84 -30.68
CA VAL A 129 11.93 -3.09 -29.66
C VAL A 129 11.02 -2.05 -30.30
N SER A 130 11.47 -1.40 -31.38
CA SER A 130 10.66 -0.35 -31.99
C SER A 130 9.36 -0.92 -32.54
N PHE A 131 9.46 -1.99 -33.35
CA PHE A 131 8.26 -2.53 -34.00
C PHE A 131 7.26 -3.04 -32.98
N TRP A 132 7.73 -3.77 -31.96
CA TRP A 132 6.81 -4.32 -30.97
C TRP A 132 6.18 -3.23 -30.13
N CYS A 133 6.93 -2.19 -29.78
CA CYS A 133 6.33 -1.06 -29.07
C CYS A 133 5.39 -0.27 -29.97
N LEU A 134 5.63 -0.29 -31.28
CA LEU A 134 4.69 0.35 -32.21
C LEU A 134 3.35 -0.38 -32.21
N ALA A 135 3.38 -1.70 -32.41
CA ALA A 135 2.14 -2.48 -32.39
C ALA A 135 1.44 -2.36 -31.04
N ALA A 136 2.21 -2.31 -29.96
CA ALA A 136 1.63 -2.13 -28.63
C ALA A 136 0.89 -0.80 -28.54
N GLY A 137 1.57 0.29 -28.92
CA GLY A 137 0.95 1.60 -28.82
C GLY A 137 -0.27 1.75 -29.73
N ARG A 138 -0.20 1.19 -30.93
CA ARG A 138 -1.31 1.31 -31.86
C ARG A 138 -2.54 0.56 -31.36
N GLN A 139 -2.35 -0.61 -30.75
CA GLN A 139 -3.48 -1.40 -30.30
C GLN A 139 -4.08 -0.85 -29.01
N ILE A 140 -3.22 -0.49 -28.04
CA ILE A 140 -3.71 0.02 -26.76
C ILE A 140 -4.55 1.27 -26.97
N HIS A 141 -4.19 2.10 -27.96
CA HIS A 141 -5.02 3.23 -28.33
C HIS A 141 -6.41 2.76 -28.74
N LYS A 142 -6.48 1.71 -29.54
CA LYS A 142 -7.78 1.17 -29.94
C LYS A 142 -8.51 0.56 -28.75
N ILE A 143 -7.80 -0.22 -27.93
CA ILE A 143 -8.42 -0.86 -26.77
C ILE A 143 -9.07 0.20 -25.87
N ARG A 144 -8.33 1.27 -25.57
CA ARG A 144 -8.81 2.25 -24.62
C ARG A 144 -10.06 2.96 -25.12
N GLN A 145 -10.15 3.19 -26.44
CA GLN A 145 -11.33 3.84 -26.99
C GLN A 145 -12.53 2.89 -26.99
N LYS A 146 -12.33 1.67 -27.51
CA LYS A 146 -13.41 0.69 -27.52
C LYS A 146 -13.88 0.36 -26.11
N PHE A 147 -12.95 0.28 -25.16
CA PHE A 147 -13.32 -0.02 -23.78
C PHE A 147 -14.23 1.06 -23.21
N PHE A 148 -13.80 2.32 -23.30
CA PHE A 148 -14.62 3.41 -22.75
C PHE A 148 -15.94 3.53 -23.49
N HIS A 149 -15.93 3.28 -24.81
CA HIS A 149 -17.18 3.25 -25.55
C HIS A 149 -18.11 2.17 -24.99
N ALA A 150 -17.55 1.00 -24.66
CA ALA A 150 -18.37 -0.06 -24.09
C ALA A 150 -18.90 0.31 -22.71
N ILE A 151 -18.11 1.06 -21.93
CA ILE A 151 -18.56 1.47 -20.61
C ILE A 151 -19.82 2.33 -20.72
N MET A 152 -19.79 3.33 -21.59
CA MET A 152 -20.94 4.21 -21.76
C MET A 152 -22.13 3.50 -22.40
N ASN A 153 -21.91 2.36 -23.04
CA ASN A 153 -22.98 1.66 -23.74
C ASN A 153 -23.84 0.80 -22.82
N GLN A 154 -23.33 0.45 -21.64
CA GLN A 154 -24.07 -0.41 -20.73
C GLN A 154 -25.31 0.29 -20.21
N GLU A 155 -26.39 -0.46 -20.05
CA GLU A 155 -27.61 0.09 -19.48
C GLU A 155 -27.47 0.25 -17.97
N ILE A 156 -28.43 0.97 -17.37
CA ILE A 156 -28.31 1.34 -15.96
C ILE A 156 -28.32 0.10 -15.08
N GLY A 157 -29.17 -0.87 -15.38
CA GLY A 157 -29.21 -2.10 -14.61
C GLY A 157 -27.88 -2.82 -14.54
N TRP A 158 -26.99 -2.56 -15.51
CA TRP A 158 -25.64 -3.12 -15.47
C TRP A 158 -24.75 -2.38 -14.48
N PHE A 159 -25.02 -1.09 -14.26
CA PHE A 159 -24.25 -0.32 -13.29
C PHE A 159 -24.70 -0.58 -11.87
N ASP A 160 -26.01 -0.81 -11.65
CA ASP A 160 -26.53 -1.04 -10.32
C ASP A 160 -25.91 -2.26 -9.66
N VAL A 161 -25.42 -3.21 -10.46
CA VAL A 161 -24.83 -4.44 -9.93
C VAL A 161 -23.32 -4.38 -9.85
N HIS A 162 -22.71 -3.26 -10.23
CA HIS A 162 -21.25 -3.16 -10.30
C HIS A 162 -20.76 -1.93 -9.55
N ASP A 163 -19.47 -1.97 -9.19
CA ASP A 163 -18.80 -0.87 -8.52
C ASP A 163 -18.10 -0.02 -9.57
N VAL A 164 -18.49 1.26 -9.66
CA VAL A 164 -17.92 2.13 -10.68
C VAL A 164 -16.47 2.44 -10.39
N GLY A 165 -16.09 2.50 -9.11
CA GLY A 165 -14.71 2.81 -8.77
C GLY A 165 -13.75 1.72 -9.21
N GLU A 166 -14.11 0.46 -8.95
CA GLU A 166 -13.31 -0.66 -9.44
C GLU A 166 -13.29 -0.67 -10.96
N LEU A 167 -14.36 -0.20 -11.61
CA LEU A 167 -14.42 -0.21 -13.06
C LEU A 167 -13.46 0.81 -13.67
N ASN A 168 -13.37 2.01 -13.08
CA ASN A 168 -12.48 3.01 -13.63
C ASN A 168 -11.02 2.66 -13.36
N THR A 169 -10.72 2.14 -12.17
CA THR A 169 -9.36 1.64 -11.93
C THR A 169 -9.05 0.45 -12.83
N ARG A 170 -10.06 -0.37 -13.15
CA ARG A 170 -9.89 -1.41 -14.16
C ARG A 170 -9.61 -0.83 -15.53
N LEU A 171 -10.00 0.42 -15.78
CA LEU A 171 -9.73 1.04 -17.07
C LEU A 171 -8.26 1.43 -17.18
N THR A 172 -7.73 2.15 -16.19
CA THR A 172 -6.37 2.63 -16.29
C THR A 172 -5.33 1.56 -15.98
N ASP A 173 -5.66 0.61 -15.09
CA ASP A 173 -4.68 -0.39 -14.69
C ASP A 173 -4.66 -1.60 -15.61
N ASP A 174 -5.82 -2.19 -15.89
CA ASP A 174 -5.86 -3.42 -16.67
C ASP A 174 -5.36 -3.18 -18.10
N VAL A 175 -5.68 -2.02 -18.68
CA VAL A 175 -5.16 -1.70 -20.00
C VAL A 175 -3.64 -1.57 -19.97
N SER A 176 -3.10 -1.04 -18.86
CA SER A 176 -1.65 -0.99 -18.72
C SER A 176 -1.04 -2.39 -18.71
N LYS A 177 -1.69 -3.33 -18.00
CA LYS A 177 -1.21 -4.70 -17.99
C LYS A 177 -1.26 -5.33 -19.38
N ILE A 178 -2.30 -5.00 -20.16
CA ILE A 178 -2.37 -5.47 -21.54
C ILE A 178 -1.22 -4.88 -22.35
N ASN A 179 -0.88 -3.61 -22.10
CA ASN A 179 0.20 -2.96 -22.85
C ASN A 179 1.54 -3.60 -22.53
N GLU A 180 1.77 -3.98 -21.27
CA GLU A 180 3.03 -4.61 -20.91
C GLU A 180 3.20 -5.97 -21.56
N GLY A 181 2.10 -6.66 -21.85
CA GLY A 181 2.19 -8.02 -22.37
C GLY A 181 2.36 -8.11 -23.87
N ILE A 182 1.84 -7.12 -24.61
CA ILE A 182 1.96 -7.11 -26.06
C ILE A 182 3.05 -6.15 -26.54
N GLY A 183 3.84 -5.60 -25.62
CA GLY A 183 4.89 -4.66 -25.96
C GLY A 183 6.15 -5.34 -26.45
N ASP A 184 7.29 -4.69 -26.18
CA ASP A 184 8.59 -5.24 -26.57
C ASP A 184 8.96 -6.49 -25.78
N LYS A 185 8.16 -6.88 -24.78
CA LYS A 185 8.47 -8.08 -24.02
C LYS A 185 8.41 -9.33 -24.88
N ILE A 186 7.48 -9.36 -25.85
CA ILE A 186 7.39 -10.51 -26.74
C ILE A 186 8.66 -10.63 -27.58
N GLY A 187 9.20 -9.49 -28.03
CA GLY A 187 10.46 -9.52 -28.74
C GLY A 187 11.60 -10.06 -27.90
N MET A 188 11.65 -9.65 -26.62
CA MET A 188 12.65 -10.20 -25.72
C MET A 188 12.44 -11.69 -25.51
N PHE A 189 11.18 -12.13 -25.48
CA PHE A 189 10.89 -13.55 -25.33
C PHE A 189 11.43 -14.36 -26.49
N PHE A 190 11.13 -13.94 -27.72
CA PHE A 190 11.64 -14.65 -28.88
C PHE A 190 13.14 -14.45 -29.05
N GLN A 191 13.68 -13.33 -28.58
CA GLN A 191 15.13 -13.18 -28.54
C GLN A 191 15.76 -14.21 -27.60
N ALA A 192 15.11 -14.49 -26.47
CA ALA A 192 15.67 -15.41 -25.49
C ALA A 192 15.62 -16.85 -25.99
N MET A 193 14.48 -17.27 -26.55
CA MET A 193 14.39 -18.62 -27.11
C MET A 193 15.38 -18.80 -28.26
N ALA A 194 15.70 -17.72 -28.98
CA ALA A 194 16.71 -17.80 -30.02
C ALA A 194 18.08 -18.11 -29.44
N THR A 195 18.46 -17.40 -28.37
CA THR A 195 19.69 -17.74 -27.65
C THR A 195 19.62 -19.16 -27.10
N PHE A 196 18.45 -19.57 -26.59
CA PHE A 196 18.32 -20.89 -26.01
C PHE A 196 18.46 -21.97 -27.08
N PHE A 197 17.67 -21.88 -28.14
CA PHE A 197 17.80 -22.81 -29.25
C PHE A 197 19.18 -22.71 -29.88
N GLY A 198 19.57 -21.51 -30.31
CA GLY A 198 20.86 -21.33 -30.97
C GLY A 198 22.03 -21.69 -30.10
N GLY A 199 21.89 -21.56 -28.78
CA GLY A 199 22.97 -21.95 -27.88
C GLY A 199 23.13 -23.46 -27.82
N PHE A 200 22.02 -24.18 -27.65
CA PHE A 200 22.09 -25.63 -27.55
C PHE A 200 22.34 -26.30 -28.90
N ILE A 201 22.01 -25.63 -30.01
CA ILE A 201 22.37 -26.14 -31.32
C ILE A 201 23.89 -26.17 -31.47
N ILE A 202 24.52 -25.00 -31.33
CA ILE A 202 25.99 -24.93 -31.33
C ILE A 202 26.56 -25.83 -30.25
N GLY A 203 25.84 -25.98 -29.14
CA GLY A 203 26.32 -26.88 -28.09
C GLY A 203 26.34 -28.33 -28.54
N PHE A 204 25.26 -28.78 -29.17
CA PHE A 204 25.18 -30.18 -29.60
C PHE A 204 26.13 -30.47 -30.76
N THR A 205 26.04 -29.67 -31.83
CA THR A 205 26.77 -29.99 -33.05
C THR A 205 28.27 -29.96 -32.82
N ARG A 206 28.80 -28.86 -32.27
CA ARG A 206 30.24 -28.75 -32.04
C ARG A 206 30.76 -29.80 -31.08
N GLY A 207 29.89 -30.48 -30.34
CA GLY A 207 30.31 -31.51 -29.41
C GLY A 207 29.26 -31.75 -28.36
N TRP A 208 28.49 -32.84 -28.50
CA TRP A 208 27.37 -33.11 -27.61
C TRP A 208 27.77 -33.88 -26.35
N LYS A 209 29.07 -33.99 -26.07
CA LYS A 209 29.51 -34.68 -24.86
C LYS A 209 29.66 -33.75 -23.66
N LEU A 210 29.66 -32.44 -23.88
CA LEU A 210 29.65 -31.49 -22.77
C LEU A 210 28.26 -31.01 -22.41
N THR A 211 27.37 -30.93 -23.39
CA THR A 211 25.99 -30.51 -23.12
C THR A 211 25.31 -31.43 -22.13
N LEU A 212 25.32 -32.74 -22.41
CA LEU A 212 24.72 -33.71 -21.50
C LEU A 212 25.38 -33.68 -20.14
N VAL A 213 26.66 -33.34 -20.08
CA VAL A 213 27.35 -33.23 -18.80
C VAL A 213 26.90 -31.98 -18.05
N ILE A 214 26.67 -30.88 -18.78
CA ILE A 214 26.24 -29.65 -18.13
C ILE A 214 24.80 -29.78 -17.63
N LEU A 215 23.95 -30.49 -18.38
CA LEU A 215 22.58 -30.71 -17.93
C LEU A 215 22.52 -31.61 -16.71
N ALA A 216 23.53 -32.48 -16.52
CA ALA A 216 23.50 -33.42 -15.42
C ALA A 216 23.66 -32.73 -14.07
N ILE A 217 24.38 -31.59 -14.03
CA ILE A 217 24.55 -30.85 -12.79
C ILE A 217 23.44 -29.83 -12.56
N SER A 218 22.51 -29.69 -13.51
CA SER A 218 21.41 -28.74 -13.39
C SER A 218 20.45 -29.07 -12.25
N PRO A 219 20.05 -30.34 -12.08
CA PRO A 219 19.18 -30.66 -10.95
C PRO A 219 19.80 -30.31 -9.60
N VAL A 220 21.12 -30.37 -9.48
CA VAL A 220 21.76 -30.00 -8.23
C VAL A 220 21.59 -28.53 -7.95
N LEU A 221 21.79 -27.70 -8.99
CA LEU A 221 21.66 -26.26 -8.82
C LEU A 221 20.20 -25.87 -8.56
N GLY A 222 19.26 -26.51 -9.27
CA GLY A 222 17.85 -26.29 -9.00
C GLY A 222 17.39 -26.87 -7.67
N LEU A 223 18.13 -27.85 -7.13
CA LEU A 223 17.82 -28.38 -5.81
C LEU A 223 18.40 -27.51 -4.70
N SER A 224 19.57 -26.91 -4.91
CA SER A 224 20.16 -26.04 -3.89
C SER A 224 19.36 -24.77 -3.72
N ALA A 225 18.93 -24.15 -4.83
CA ALA A 225 18.07 -22.98 -4.74
C ALA A 225 16.66 -23.34 -4.28
N GLY A 226 16.30 -24.63 -4.34
CA GLY A 226 15.06 -25.11 -3.75
C GLY A 226 15.08 -25.22 -2.25
N ILE A 227 16.26 -25.45 -1.66
CA ILE A 227 16.39 -25.40 -0.21
C ILE A 227 16.22 -23.97 0.29
N TRP A 228 16.51 -22.98 -0.56
CA TRP A 228 16.34 -21.58 -0.17
C TRP A 228 14.87 -21.20 -0.06
N ALA A 229 14.04 -21.65 -0.99
CA ALA A 229 12.61 -21.37 -0.92
C ALA A 229 11.94 -22.07 0.26
N LYS A 230 12.54 -23.15 0.77
CA LYS A 230 12.03 -23.82 1.95
C LYS A 230 12.56 -23.23 3.25
N ILE A 231 13.80 -22.73 3.24
CA ILE A 231 14.38 -22.16 4.45
C ILE A 231 13.86 -20.73 4.67
N LEU A 232 13.81 -19.92 3.61
CA LEU A 232 13.36 -18.54 3.75
C LEU A 232 11.90 -18.48 4.20
N SER A 233 11.03 -19.26 3.56
CA SER A 233 9.59 -19.17 3.85
C SER A 233 9.26 -19.72 5.24
N SER A 234 10.05 -20.66 5.76
CA SER A 234 9.78 -21.24 7.07
C SER A 234 10.41 -20.44 8.21
N PHE A 235 11.52 -19.76 7.96
CA PHE A 235 12.18 -18.96 8.98
C PHE A 235 11.71 -17.51 9.02
N THR A 236 11.21 -16.97 7.91
CA THR A 236 10.64 -15.62 7.94
C THR A 236 9.39 -15.57 8.81
N ASP A 237 8.68 -16.69 8.97
CA ASP A 237 7.55 -16.74 9.87
C ASP A 237 8.00 -16.83 11.33
N LYS A 238 9.10 -17.55 11.58
CA LYS A 238 9.57 -17.72 12.96
C LYS A 238 9.96 -16.39 13.58
N GLU A 239 10.59 -15.50 12.81
CA GLU A 239 10.92 -14.18 13.35
C GLU A 239 9.68 -13.31 13.50
N LEU A 240 8.80 -13.33 12.50
CA LEU A 240 7.49 -12.70 12.67
C LEU A 240 6.68 -13.38 13.76
N HIS A 241 7.01 -14.63 14.12
CA HIS A 241 6.48 -15.26 15.32
C HIS A 241 7.28 -14.86 16.56
N ALA A 242 8.60 -14.71 16.41
CA ALA A 242 9.46 -14.44 17.56
C ALA A 242 9.16 -13.08 18.17
N TYR A 243 9.23 -12.01 17.35
CA TYR A 243 8.94 -10.69 17.88
C TYR A 243 7.46 -10.51 18.20
N ALA A 244 6.58 -11.29 17.57
CA ALA A 244 5.16 -11.22 17.92
C ALA A 244 4.90 -11.59 19.37
N LYS A 245 5.83 -12.31 20.01
CA LYS A 245 5.74 -12.55 21.45
C LYS A 245 6.25 -11.35 22.24
N ALA A 246 7.27 -10.65 21.72
CA ALA A 246 7.73 -9.42 22.37
C ALA A 246 6.83 -8.25 22.03
N GLY A 247 6.44 -8.11 20.77
CA GLY A 247 5.49 -7.09 20.38
C GLY A 247 4.12 -7.26 21.02
N ALA A 248 3.80 -8.47 21.49
CA ALA A 248 2.58 -8.65 22.26
C ALA A 248 2.72 -8.05 23.65
N VAL A 249 3.89 -8.20 24.27
CA VAL A 249 4.17 -7.53 25.53
C VAL A 249 4.06 -6.03 25.36
N ALA A 250 4.66 -5.50 24.28
CA ALA A 250 4.58 -4.07 24.01
C ALA A 250 3.14 -3.63 23.79
N GLU A 251 2.33 -4.47 23.14
CA GLU A 251 0.96 -4.07 22.82
C GLU A 251 0.12 -3.97 24.09
N GLU A 252 0.09 -5.03 24.90
CA GLU A 252 -0.71 -4.98 26.11
C GLU A 252 -0.16 -3.99 27.14
N VAL A 253 1.11 -3.61 27.02
CA VAL A 253 1.66 -2.56 27.88
C VAL A 253 1.24 -1.19 27.38
N LEU A 254 1.59 -0.87 26.13
CA LEU A 254 1.30 0.45 25.60
C LEU A 254 -0.20 0.73 25.49
N ALA A 255 -1.03 -0.31 25.48
CA ALA A 255 -2.47 -0.10 25.53
C ALA A 255 -2.94 0.18 26.95
N ALA A 256 -2.37 -0.52 27.93
CA ALA A 256 -2.64 -0.29 29.34
C ALA A 256 -1.66 0.68 29.98
N ILE A 257 -1.14 1.63 29.20
CA ILE A 257 -0.01 2.44 29.65
C ILE A 257 -0.38 3.23 30.90
N ARG A 258 -1.62 3.71 30.98
CA ARG A 258 -2.02 4.50 32.14
C ARG A 258 -2.09 3.65 33.40
N THR A 259 -2.26 2.34 33.25
CA THR A 259 -2.31 1.48 34.42
C THR A 259 -0.92 1.15 34.94
N VAL A 260 0.01 0.83 34.03
CA VAL A 260 1.39 0.57 34.44
C VAL A 260 2.03 1.85 34.96
N ILE A 261 1.68 2.99 34.38
CA ILE A 261 2.18 4.27 34.89
C ILE A 261 1.67 4.52 36.29
N ALA A 262 0.40 4.20 36.55
CA ALA A 262 -0.17 4.44 37.87
C ALA A 262 0.46 3.54 38.93
N PHE A 263 0.69 2.28 38.59
CA PHE A 263 1.27 1.31 39.52
C PHE A 263 2.78 1.19 39.39
N GLY A 264 3.40 1.99 38.53
CA GLY A 264 4.86 2.06 38.48
C GLY A 264 5.55 0.78 38.09
N GLY A 265 4.92 -0.03 37.25
CA GLY A 265 5.54 -1.27 36.81
C GLY A 265 6.45 -1.06 35.60
N GLN A 266 6.90 0.17 35.42
CA GLN A 266 7.69 0.52 34.24
C GLN A 266 9.05 -0.15 34.21
N LYS A 267 9.58 -0.55 35.37
CA LYS A 267 10.79 -1.37 35.37
C LYS A 267 10.47 -2.82 35.01
N LYS A 268 9.31 -3.31 35.49
CA LYS A 268 8.92 -4.68 35.18
C LYS A 268 8.54 -4.85 33.72
N GLU A 269 7.66 -3.97 33.21
CA GLU A 269 7.24 -4.08 31.82
C GLU A 269 8.41 -3.89 30.87
N LEU A 270 9.41 -3.10 31.28
CA LEU A 270 10.66 -3.07 30.52
C LEU A 270 11.42 -4.37 30.67
N GLU A 271 11.49 -4.90 31.89
CA GLU A 271 12.20 -6.16 32.12
C GLU A 271 11.57 -7.30 31.32
N ARG A 272 10.23 -7.38 31.30
CA ARG A 272 9.57 -8.41 30.51
C ARG A 272 9.90 -8.25 29.03
N TYR A 273 9.79 -7.02 28.51
CA TYR A 273 10.16 -6.77 27.13
C TYR A 273 11.63 -7.11 26.89
N ASN A 274 12.50 -6.77 27.86
CA ASN A 274 13.91 -7.12 27.75
C ASN A 274 14.11 -8.63 27.79
N ASN A 275 13.25 -9.35 28.53
CA ASN A 275 13.37 -10.80 28.59
C ASN A 275 12.88 -11.45 27.31
N ASN A 276 11.87 -10.87 26.65
CA ASN A 276 11.45 -11.39 25.36
C ASN A 276 12.41 -10.98 24.24
N LEU A 277 13.04 -9.80 24.36
CA LEU A 277 14.08 -9.43 23.41
C LEU A 277 15.28 -10.36 23.49
N GLU A 278 15.60 -10.85 24.70
CA GLU A 278 16.73 -11.75 24.87
C GLU A 278 16.53 -13.05 24.11
N GLU A 279 15.29 -13.56 24.07
CA GLU A 279 15.00 -14.76 23.31
C GLU A 279 14.98 -14.48 21.81
N ALA A 280 14.49 -13.30 21.42
CA ALA A 280 14.43 -12.96 20.00
C ALA A 280 15.82 -12.83 19.40
N LYS A 281 16.82 -12.48 20.22
CA LYS A 281 18.19 -12.37 19.71
C LYS A 281 18.87 -13.72 19.63
N ARG A 282 18.51 -14.67 20.50
CA ARG A 282 19.06 -16.02 20.40
C ARG A 282 18.51 -16.74 19.19
N LEU A 283 17.21 -16.57 18.91
CA LEU A 283 16.66 -17.09 17.67
C LEU A 283 17.19 -16.33 16.46
N GLY A 284 17.62 -15.07 16.67
CA GLY A 284 18.18 -14.30 15.57
C GLY A 284 19.59 -14.68 15.22
N ILE A 285 20.40 -15.07 16.22
CA ILE A 285 21.74 -15.54 15.92
C ILE A 285 21.72 -16.97 15.40
N LYS A 286 20.76 -17.79 15.85
CA LYS A 286 20.61 -19.13 15.30
C LYS A 286 20.23 -19.07 13.83
N LYS A 287 19.32 -18.16 13.46
CA LYS A 287 19.00 -17.97 12.05
C LYS A 287 20.19 -17.43 11.27
N ALA A 288 21.03 -16.62 11.92
CA ALA A 288 22.23 -16.11 11.25
C ALA A 288 23.24 -17.22 11.00
N ILE A 289 23.34 -18.18 11.93
CA ILE A 289 24.24 -19.31 11.74
C ILE A 289 23.79 -20.17 10.58
N THR A 290 22.50 -20.53 10.56
CA THR A 290 22.01 -21.49 9.57
C THR A 290 21.90 -20.86 8.19
N ALA A 291 21.42 -19.62 8.10
CA ALA A 291 21.22 -18.99 6.79
C ALA A 291 22.54 -18.73 6.08
N ASN A 292 23.62 -18.46 6.83
CA ASN A 292 24.92 -18.27 6.22
C ASN A 292 25.59 -19.59 5.87
N ILE A 293 25.36 -20.63 6.67
CA ILE A 293 25.80 -21.98 6.30
C ILE A 293 25.13 -22.39 4.99
N SER A 294 23.85 -22.05 4.83
CA SER A 294 23.14 -22.41 3.60
C SER A 294 23.67 -21.63 2.40
N MET A 295 23.85 -20.32 2.55
CA MET A 295 24.28 -19.50 1.42
C MET A 295 25.67 -19.91 0.94
N GLY A 296 26.60 -20.13 1.87
CA GLY A 296 27.94 -20.53 1.48
C GLY A 296 27.98 -21.91 0.85
N ALA A 297 27.20 -22.85 1.40
CA ALA A 297 27.18 -24.20 0.85
C ALA A 297 26.57 -24.24 -0.53
N ALA A 298 25.47 -23.51 -0.75
CA ALA A 298 24.86 -23.46 -2.07
C ALA A 298 25.81 -22.84 -3.09
N PHE A 299 26.49 -21.75 -2.71
CA PHE A 299 27.46 -21.13 -3.60
C PHE A 299 28.58 -22.11 -3.95
N LEU A 300 29.06 -22.87 -2.97
CA LEU A 300 30.13 -23.84 -3.22
C LEU A 300 29.63 -24.96 -4.14
N LEU A 301 28.38 -25.40 -3.95
CA LEU A 301 27.81 -26.41 -4.84
C LEU A 301 27.67 -25.89 -6.26
N ILE A 302 27.32 -24.60 -6.40
CA ILE A 302 27.12 -24.05 -7.73
C ILE A 302 28.46 -23.89 -8.46
N TYR A 303 29.49 -23.42 -7.75
CA TYR A 303 30.79 -23.22 -8.38
C TYR A 303 31.52 -24.54 -8.61
N ALA A 304 31.37 -25.50 -7.69
CA ALA A 304 31.97 -26.81 -7.91
C ALA A 304 31.30 -27.54 -9.06
N SER A 305 29.99 -27.34 -9.24
CA SER A 305 29.29 -27.93 -10.38
C SER A 305 29.87 -27.44 -11.69
N ALA A 306 30.14 -26.14 -11.79
CA ALA A 306 30.69 -25.57 -13.02
C ALA A 306 32.12 -26.03 -13.24
N ALA A 307 32.96 -25.91 -12.21
CA ALA A 307 34.37 -26.29 -12.35
C ALA A 307 34.52 -27.76 -12.72
N LEU A 308 33.57 -28.61 -12.33
CA LEU A 308 33.59 -29.99 -12.79
C LEU A 308 33.28 -30.09 -14.27
N ALA A 309 32.28 -29.34 -14.73
CA ALA A 309 31.95 -29.34 -16.16
C ALA A 309 33.08 -28.79 -17.00
N PHE A 310 33.91 -27.91 -16.43
CA PHE A 310 35.05 -27.37 -17.17
C PHE A 310 36.28 -28.27 -17.04
N TRP A 311 36.52 -28.84 -15.85
CA TRP A 311 37.57 -29.84 -15.71
C TRP A 311 37.25 -31.08 -16.54
N TYR A 312 35.97 -31.45 -16.59
CA TYR A 312 35.54 -32.46 -17.56
C TYR A 312 35.84 -32.00 -18.98
N GLY A 313 35.67 -30.70 -19.24
CA GLY A 313 36.06 -30.16 -20.53
C GLY A 313 37.54 -30.34 -20.80
N THR A 314 38.37 -30.24 -19.76
CA THR A 314 39.81 -30.45 -19.94
C THR A 314 40.12 -31.90 -20.24
N SER A 315 39.41 -32.83 -19.60
CA SER A 315 39.66 -34.25 -19.81
C SER A 315 39.40 -34.69 -21.25
N LEU A 316 38.65 -33.90 -22.01
CA LEU A 316 38.37 -34.23 -23.40
C LEU A 316 39.30 -33.52 -24.39
N VAL A 317 40.15 -32.61 -23.92
CA VAL A 317 41.15 -32.01 -24.79
C VAL A 317 42.45 -32.82 -24.76
N ILE A 318 42.82 -33.34 -23.59
CA ILE A 318 43.98 -34.21 -23.49
C ILE A 318 43.78 -35.50 -24.29
N SER A 319 42.53 -35.82 -24.63
CA SER A 319 42.20 -36.99 -25.43
C SER A 319 42.14 -36.68 -26.92
N LYS A 320 42.46 -35.45 -27.32
CA LYS A 320 42.46 -35.02 -28.73
C LYS A 320 41.11 -35.30 -29.38
N GLU A 321 40.04 -34.95 -28.67
CA GLU A 321 38.67 -35.11 -29.18
C GLU A 321 38.01 -33.78 -29.49
N TYR A 322 38.25 -32.76 -28.67
CA TYR A 322 37.71 -31.42 -28.89
C TYR A 322 38.83 -30.42 -28.71
N SER A 323 38.94 -29.48 -29.64
CA SER A 323 39.97 -28.45 -29.54
C SER A 323 39.75 -27.60 -28.29
N ILE A 324 40.86 -27.05 -27.78
CA ILE A 324 40.79 -26.20 -26.59
C ILE A 324 39.85 -25.03 -26.81
N GLY A 325 39.76 -24.55 -28.06
CA GLY A 325 38.77 -23.53 -28.37
C GLY A 325 37.36 -24.04 -28.48
N GLN A 326 37.19 -25.31 -28.90
CA GLN A 326 35.86 -25.88 -29.02
C GLN A 326 35.21 -26.07 -27.66
N VAL A 327 36.00 -26.46 -26.65
CA VAL A 327 35.45 -26.61 -25.30
C VAL A 327 34.80 -25.31 -24.85
N LEU A 328 35.46 -24.18 -25.12
CA LEU A 328 34.86 -22.89 -24.78
C LEU A 328 33.59 -22.65 -25.58
N THR A 329 33.63 -22.89 -26.90
CA THR A 329 32.49 -22.61 -27.75
C THR A 329 31.22 -23.31 -27.25
N VAL A 330 31.33 -24.59 -26.87
CA VAL A 330 30.16 -25.30 -26.37
C VAL A 330 29.86 -24.89 -24.93
N PHE A 331 30.89 -24.84 -24.08
CA PHE A 331 30.68 -24.52 -22.67
C PHE A 331 30.04 -23.15 -22.49
N PHE A 332 30.37 -22.20 -23.36
CA PHE A 332 29.74 -20.89 -23.29
C PHE A 332 28.35 -20.91 -23.91
N SER A 333 28.23 -21.44 -25.14
CA SER A 333 26.94 -21.44 -25.81
C SER A 333 25.88 -22.23 -25.04
N VAL A 334 26.30 -23.29 -24.34
CA VAL A 334 25.33 -24.07 -23.55
C VAL A 334 24.90 -23.28 -22.33
N LEU A 335 25.86 -22.77 -21.55
CA LEU A 335 25.52 -22.00 -20.36
C LEU A 335 24.76 -20.73 -20.71
N ILE A 336 25.07 -20.12 -21.85
CA ILE A 336 24.32 -18.95 -22.29
C ILE A 336 22.86 -19.31 -22.54
N GLY A 337 22.63 -20.33 -23.38
CA GLY A 337 21.27 -20.75 -23.66
C GLY A 337 20.56 -21.34 -22.46
N ALA A 338 21.31 -21.91 -21.52
CA ALA A 338 20.68 -22.46 -20.32
C ALA A 338 20.09 -21.36 -19.45
N PHE A 339 20.83 -20.26 -19.26
CA PHE A 339 20.30 -19.13 -18.50
C PHE A 339 19.33 -18.30 -19.31
N SER A 340 19.37 -18.42 -20.65
CA SER A 340 18.38 -17.76 -21.48
C SER A 340 16.97 -18.25 -21.20
N VAL A 341 16.84 -19.47 -20.65
CA VAL A 341 15.54 -19.94 -20.17
C VAL A 341 15.04 -19.03 -19.06
N GLY A 342 15.89 -18.78 -18.06
CA GLY A 342 15.48 -17.94 -16.95
C GLY A 342 15.21 -16.50 -17.37
N GLN A 343 15.97 -15.99 -18.33
CA GLN A 343 15.76 -14.62 -18.81
C GLN A 343 14.49 -14.48 -19.66
N ALA A 344 13.86 -15.58 -20.04
CA ALA A 344 12.61 -15.55 -20.78
C ALA A 344 11.39 -15.74 -19.89
N SER A 345 11.53 -16.46 -18.78
CA SER A 345 10.39 -16.74 -17.90
C SER A 345 9.63 -15.49 -17.47
N PRO A 346 10.25 -14.34 -17.17
CA PRO A 346 9.43 -13.17 -16.82
C PRO A 346 8.53 -12.69 -17.96
N ASN A 347 9.00 -12.78 -19.20
CA ASN A 347 8.17 -12.33 -20.31
C ASN A 347 6.97 -13.25 -20.53
N ILE A 348 7.10 -14.52 -20.16
CA ILE A 348 5.94 -15.42 -20.21
C ILE A 348 4.86 -14.95 -19.26
N GLU A 349 5.26 -14.60 -18.03
CA GLU A 349 4.30 -14.12 -17.05
C GLU A 349 3.68 -12.79 -17.46
N ALA A 350 4.44 -11.96 -18.20
CA ALA A 350 3.89 -10.69 -18.66
C ALA A 350 2.82 -10.89 -19.72
N PHE A 351 3.01 -11.88 -20.59
CA PHE A 351 2.00 -12.16 -21.62
C PHE A 351 0.76 -12.80 -21.02
N ALA A 352 0.94 -13.77 -20.11
CA ALA A 352 -0.21 -14.44 -19.52
C ALA A 352 -1.04 -13.50 -18.67
N ASN A 353 -0.39 -12.65 -17.88
CA ASN A 353 -1.12 -11.66 -17.08
C ASN A 353 -1.89 -10.70 -17.97
N ALA A 354 -1.31 -10.34 -19.11
CA ALA A 354 -2.03 -9.46 -20.04
C ALA A 354 -3.20 -10.18 -20.70
N ARG A 355 -3.10 -11.49 -20.87
CA ARG A 355 -4.25 -12.26 -21.36
C ARG A 355 -5.39 -12.17 -20.35
N GLY A 356 -5.18 -12.68 -19.13
CA GLY A 356 -6.22 -12.63 -18.11
C GLY A 356 -6.71 -11.23 -17.81
N ALA A 357 -5.84 -10.22 -17.96
CA ALA A 357 -6.30 -8.84 -17.80
C ALA A 357 -7.21 -8.43 -18.94
N ALA A 358 -6.99 -8.97 -20.14
CA ALA A 358 -7.85 -8.65 -21.27
C ALA A 358 -9.19 -9.36 -21.22
N TYR A 359 -9.38 -10.32 -20.31
CA TYR A 359 -10.64 -11.05 -20.26
C TYR A 359 -11.78 -10.14 -19.83
N GLU A 360 -11.67 -9.59 -18.62
CA GLU A 360 -12.74 -8.72 -18.12
C GLU A 360 -12.87 -7.46 -18.96
N VAL A 361 -11.85 -7.12 -19.76
CA VAL A 361 -11.94 -5.95 -20.63
C VAL A 361 -12.74 -6.27 -21.89
N PHE A 362 -12.34 -7.33 -22.61
CA PHE A 362 -13.09 -7.74 -23.79
C PHE A 362 -14.49 -8.20 -23.43
N LYS A 363 -14.67 -8.72 -22.21
CA LYS A 363 -16.00 -9.09 -21.74
C LYS A 363 -16.94 -7.89 -21.78
N ILE A 364 -16.42 -6.70 -21.48
CA ILE A 364 -17.24 -5.50 -21.55
C ILE A 364 -17.46 -5.08 -22.99
N ILE A 365 -16.42 -5.15 -23.82
CA ILE A 365 -16.52 -4.70 -25.20
C ILE A 365 -17.45 -5.61 -25.99
N ASP A 366 -17.31 -6.93 -25.81
CA ASP A 366 -18.15 -7.87 -26.54
C ASP A 366 -19.57 -7.96 -26.00
N ASN A 367 -19.79 -7.55 -24.75
CA ASN A 367 -21.13 -7.59 -24.19
C ASN A 367 -22.04 -6.61 -24.93
N LYS A 368 -23.17 -7.12 -25.41
CA LYS A 368 -24.14 -6.31 -26.11
C LYS A 368 -25.35 -6.07 -25.23
N PRO A 369 -25.85 -4.84 -25.15
CA PRO A 369 -26.99 -4.53 -24.29
C PRO A 369 -28.31 -4.76 -25.01
N SER A 370 -29.38 -4.73 -24.22
CA SER A 370 -30.74 -4.75 -24.77
C SER A 370 -31.28 -3.34 -25.00
N ILE A 371 -30.84 -2.37 -24.21
CA ILE A 371 -31.32 -0.99 -24.31
C ILE A 371 -30.48 -0.17 -25.27
N ASP A 372 -29.16 -0.36 -25.24
CA ASP A 372 -28.21 0.37 -26.08
C ASP A 372 -28.15 1.85 -25.72
N SER A 373 -28.86 2.68 -26.49
CA SER A 373 -28.88 4.15 -26.46
C SER A 373 -27.83 4.68 -27.42
N PHE A 374 -26.90 3.83 -27.84
CA PHE A 374 -26.07 4.14 -29.00
C PHE A 374 -26.65 3.56 -30.29
N SER A 375 -27.71 2.78 -30.18
CA SER A 375 -28.32 2.17 -31.35
C SER A 375 -29.07 3.22 -32.17
N LYS A 376 -29.03 3.05 -33.49
CA LYS A 376 -29.83 3.85 -34.42
C LYS A 376 -30.96 2.95 -34.91
N SER A 377 -32.04 2.88 -34.13
CA SER A 377 -33.16 2.02 -34.45
C SER A 377 -34.38 2.50 -33.67
N GLY A 378 -35.55 2.11 -34.14
CA GLY A 378 -36.79 2.51 -33.52
C GLY A 378 -37.36 3.79 -34.11
N HIS A 379 -38.65 4.02 -33.84
CA HIS A 379 -39.33 5.16 -34.41
C HIS A 379 -38.90 6.46 -33.71
N LYS A 380 -39.03 7.56 -34.43
CA LYS A 380 -38.79 8.90 -33.91
C LYS A 380 -40.02 9.74 -34.24
N PRO A 381 -41.02 9.74 -33.35
CA PRO A 381 -42.29 10.38 -33.68
C PRO A 381 -42.18 11.90 -33.74
N ASP A 382 -42.84 12.48 -34.73
CA ASP A 382 -42.99 13.91 -34.86
C ASP A 382 -44.37 14.32 -34.36
N ASN A 383 -44.48 15.58 -33.94
CA ASN A 383 -45.72 16.13 -33.36
C ASN A 383 -46.14 15.31 -32.15
N ILE A 384 -45.19 15.08 -31.24
CA ILE A 384 -45.47 14.35 -30.01
C ILE A 384 -46.37 15.21 -29.13
N GLN A 385 -47.57 14.70 -28.84
CA GLN A 385 -48.51 15.43 -28.01
C GLN A 385 -48.36 15.12 -26.53
N GLY A 386 -47.72 14.00 -26.19
CA GLY A 386 -47.36 13.74 -24.80
C GLY A 386 -48.47 13.18 -23.94
N ASN A 387 -49.15 12.14 -24.42
CA ASN A 387 -50.13 11.40 -23.64
C ASN A 387 -49.46 10.13 -23.12
N LEU A 388 -49.21 10.08 -21.81
CA LEU A 388 -48.47 8.99 -21.19
C LEU A 388 -49.43 8.12 -20.39
N GLU A 389 -49.19 6.80 -20.41
CA GLU A 389 -49.96 5.88 -19.58
C GLU A 389 -49.05 4.72 -19.17
N PHE A 390 -49.32 4.20 -17.97
CA PHE A 390 -48.58 3.09 -17.38
C PHE A 390 -49.56 1.94 -17.19
N LYS A 391 -49.24 0.77 -17.74
CA LYS A 391 -50.19 -0.33 -17.85
C LYS A 391 -49.64 -1.56 -17.14
N ASN A 392 -50.25 -1.91 -16.00
CA ASN A 392 -50.00 -3.17 -15.29
C ASN A 392 -48.50 -3.44 -15.13
N ILE A 393 -47.78 -2.44 -14.62
CA ILE A 393 -46.33 -2.49 -14.58
C ILE A 393 -45.90 -3.15 -13.27
N HIS A 394 -45.32 -4.34 -13.38
CA HIS A 394 -44.60 -4.98 -12.29
C HIS A 394 -43.11 -4.79 -12.54
N PHE A 395 -42.38 -4.40 -11.49
CA PHE A 395 -40.96 -4.11 -11.65
C PHE A 395 -40.21 -4.44 -10.37
N SER A 396 -38.92 -4.71 -10.53
CA SER A 396 -38.02 -4.92 -9.40
C SER A 396 -36.63 -4.51 -9.82
N TYR A 397 -35.97 -3.70 -8.99
CA TYR A 397 -34.61 -3.25 -9.22
C TYR A 397 -33.66 -4.45 -9.21
N PRO A 398 -32.41 -4.29 -9.68
CA PRO A 398 -31.49 -5.43 -9.76
C PRO A 398 -31.33 -6.27 -8.50
N SER A 399 -31.79 -5.79 -7.33
CA SER A 399 -31.84 -6.66 -6.16
C SER A 399 -32.74 -7.87 -6.39
N ARG A 400 -33.63 -7.78 -7.37
CA ARG A 400 -34.38 -8.91 -7.91
C ARG A 400 -35.29 -9.55 -6.86
N LYS A 401 -35.35 -10.88 -6.85
CA LYS A 401 -36.35 -11.65 -6.11
C LYS A 401 -36.39 -11.32 -4.63
N GLU A 402 -35.37 -10.63 -4.13
CA GLU A 402 -35.36 -10.22 -2.74
C GLU A 402 -36.47 -9.22 -2.45
N VAL A 403 -36.70 -8.28 -3.37
CA VAL A 403 -37.70 -7.23 -3.19
C VAL A 403 -38.40 -6.98 -4.51
N GLN A 404 -39.73 -6.83 -4.46
CA GLN A 404 -40.52 -6.36 -5.60
C GLN A 404 -41.21 -5.07 -5.17
N ILE A 405 -40.76 -3.94 -5.70
CA ILE A 405 -41.22 -2.64 -5.23
C ILE A 405 -42.50 -2.17 -5.93
N LEU A 406 -42.87 -2.76 -7.07
CA LEU A 406 -44.07 -2.39 -7.81
C LEU A 406 -44.87 -3.64 -8.13
N LYS A 407 -45.95 -3.87 -7.38
CA LYS A 407 -46.86 -5.00 -7.62
C LYS A 407 -48.07 -4.47 -8.37
N GLY A 408 -48.00 -4.49 -9.70
CA GLY A 408 -49.06 -3.95 -10.52
C GLY A 408 -49.12 -2.43 -10.47
N LEU A 409 -49.78 -1.81 -11.44
CA LEU A 409 -49.83 -0.35 -11.51
C LEU A 409 -50.77 0.05 -12.63
N ASN A 410 -51.43 1.20 -12.44
CA ASN A 410 -52.25 1.80 -13.48
C ASN A 410 -52.21 3.31 -13.29
N LEU A 411 -51.71 4.03 -14.30
CA LEU A 411 -51.61 5.48 -14.21
C LEU A 411 -51.59 6.07 -15.61
N LYS A 412 -52.52 6.98 -15.89
CA LYS A 412 -52.49 7.81 -17.08
C LYS A 412 -52.22 9.26 -16.67
N VAL A 413 -51.57 10.00 -17.57
CA VAL A 413 -51.40 11.44 -17.41
C VAL A 413 -51.73 12.09 -18.75
N LYS A 414 -52.76 12.93 -18.77
CA LYS A 414 -53.22 13.57 -19.99
C LYS A 414 -52.19 14.59 -20.49
N SER A 415 -52.20 14.81 -21.80
CA SER A 415 -51.29 15.76 -22.40
C SER A 415 -51.53 17.15 -21.85
N GLY A 416 -50.43 17.85 -21.53
CA GLY A 416 -50.52 19.18 -20.98
C GLY A 416 -50.77 19.20 -19.47
N GLN A 417 -51.40 18.16 -18.96
CA GLN A 417 -51.60 18.04 -17.52
C GLN A 417 -50.28 17.80 -16.82
N THR A 418 -50.30 18.02 -15.51
CA THR A 418 -49.14 17.77 -14.64
C THR A 418 -49.61 16.91 -13.49
N VAL A 419 -49.21 15.64 -13.49
CA VAL A 419 -49.60 14.69 -12.46
C VAL A 419 -48.55 14.68 -11.36
N ALA A 420 -49.01 14.57 -10.12
CA ALA A 420 -48.13 14.52 -8.96
C ALA A 420 -48.29 13.17 -8.27
N LEU A 421 -47.17 12.61 -7.85
CA LEU A 421 -47.14 11.28 -7.23
C LEU A 421 -46.75 11.43 -5.77
N VAL A 422 -47.59 10.92 -4.87
CA VAL A 422 -47.35 11.00 -3.44
C VAL A 422 -47.30 9.59 -2.88
N GLY A 423 -46.53 9.42 -1.80
CA GLY A 423 -46.34 8.13 -1.19
C GLY A 423 -45.64 8.21 0.15
N ASN A 424 -45.99 7.30 1.06
CA ASN A 424 -45.43 7.35 2.40
C ASN A 424 -43.95 6.99 2.38
N SER A 425 -43.61 5.85 1.79
CA SER A 425 -42.23 5.42 1.70
C SER A 425 -42.10 4.48 0.51
N GLY A 426 -41.00 3.71 0.48
CA GLY A 426 -40.71 2.84 -0.63
C GLY A 426 -40.15 3.60 -1.81
N CYS A 427 -40.58 4.85 -1.96
CA CYS A 427 -40.18 5.69 -3.10
C CYS A 427 -40.45 5.01 -4.44
N GLY A 428 -41.47 4.15 -4.49
CA GLY A 428 -42.04 3.71 -5.75
C GLY A 428 -42.47 4.85 -6.65
N LYS A 429 -42.75 6.03 -6.08
CA LYS A 429 -42.90 7.24 -6.88
C LYS A 429 -41.69 7.44 -7.80
N SER A 430 -40.49 7.34 -7.25
CA SER A 430 -39.28 7.59 -8.02
C SER A 430 -39.07 6.58 -9.13
N THR A 431 -39.70 5.41 -9.03
CA THR A 431 -39.48 4.36 -10.02
C THR A 431 -40.12 4.70 -11.37
N THR A 432 -41.27 5.38 -11.36
CA THR A 432 -41.95 5.70 -12.61
C THR A 432 -41.14 6.65 -13.47
N VAL A 433 -40.42 7.58 -12.84
CA VAL A 433 -39.52 8.44 -13.60
C VAL A 433 -38.37 7.62 -14.18
N GLN A 434 -37.92 6.61 -13.45
CA GLN A 434 -36.86 5.73 -13.93
C GLN A 434 -37.32 4.98 -15.18
N LEU A 435 -38.50 4.37 -15.12
CA LEU A 435 -39.01 3.62 -16.27
C LEU A 435 -39.36 4.53 -17.43
N MET A 436 -39.77 5.77 -17.15
CA MET A 436 -40.20 6.67 -18.22
C MET A 436 -39.05 7.04 -19.14
N GLN A 437 -37.83 7.12 -18.62
CA GLN A 437 -36.65 7.28 -19.47
C GLN A 437 -36.16 5.95 -20.03
N ARG A 438 -36.83 4.85 -19.69
CA ARG A 438 -36.43 3.51 -20.09
C ARG A 438 -34.99 3.21 -19.69
N LEU A 439 -34.61 3.68 -18.51
CA LEU A 439 -33.37 3.21 -17.91
C LEU A 439 -33.44 1.72 -17.61
N TYR A 440 -34.63 1.23 -17.24
CA TYR A 440 -34.90 -0.19 -17.10
C TYR A 440 -36.11 -0.55 -17.94
N ASP A 441 -36.20 -1.81 -18.27
CA ASP A 441 -37.48 -2.24 -18.82
C ASP A 441 -38.27 -2.99 -17.76
N PRO A 442 -39.60 -2.87 -17.76
CA PRO A 442 -40.40 -3.49 -16.71
C PRO A 442 -40.44 -5.01 -16.84
N LEU A 443 -40.65 -5.66 -15.69
CA LEU A 443 -40.79 -7.12 -15.68
C LEU A 443 -42.00 -7.55 -16.49
N ASP A 444 -43.18 -7.01 -16.15
CA ASP A 444 -44.39 -7.23 -16.93
C ASP A 444 -45.16 -5.92 -17.00
N GLY A 445 -45.80 -5.67 -18.14
CA GLY A 445 -46.47 -4.42 -18.39
C GLY A 445 -45.69 -3.56 -19.37
N MET A 446 -46.24 -2.38 -19.63
CA MET A 446 -45.67 -1.47 -20.62
C MET A 446 -45.86 -0.03 -20.17
N VAL A 447 -44.89 0.80 -20.54
CA VAL A 447 -45.00 2.25 -20.40
C VAL A 447 -45.16 2.83 -21.79
N SER A 448 -46.20 3.65 -21.98
CA SER A 448 -46.59 4.12 -23.31
C SER A 448 -46.53 5.65 -23.34
N ILE A 449 -45.66 6.18 -24.20
CA ILE A 449 -45.64 7.59 -24.53
C ILE A 449 -46.41 7.76 -25.83
N ASP A 450 -47.38 8.68 -25.84
CA ASP A 450 -48.40 8.78 -26.89
C ASP A 450 -49.08 7.42 -26.97
N GLY A 451 -49.23 6.81 -28.14
CA GLY A 451 -49.88 5.52 -28.23
C GLY A 451 -48.92 4.36 -28.35
N GLN A 452 -47.66 4.65 -28.70
CA GLN A 452 -46.69 3.60 -28.97
C GLN A 452 -46.01 3.14 -27.69
N ASP A 453 -45.66 1.85 -27.67
CA ASP A 453 -44.84 1.32 -26.60
C ASP A 453 -43.48 2.01 -26.61
N ILE A 454 -42.94 2.27 -25.43
CA ILE A 454 -41.70 3.03 -25.32
C ILE A 454 -40.53 2.31 -25.97
N ARG A 455 -40.59 0.98 -26.03
CA ARG A 455 -39.51 0.17 -26.58
C ARG A 455 -39.46 0.21 -28.10
N THR A 456 -40.51 0.73 -28.74
CA THR A 456 -40.50 0.90 -30.19
C THR A 456 -39.84 2.21 -30.62
N ILE A 457 -39.69 3.16 -29.70
CA ILE A 457 -39.08 4.45 -29.97
C ILE A 457 -37.58 4.35 -29.74
N ASN A 458 -36.79 5.02 -30.59
CA ASN A 458 -35.35 5.10 -30.40
C ASN A 458 -35.03 5.58 -29.00
N VAL A 459 -34.07 4.91 -28.37
CA VAL A 459 -33.73 5.23 -26.98
C VAL A 459 -33.22 6.66 -26.88
N ARG A 460 -32.27 7.03 -27.74
CA ARG A 460 -31.70 8.38 -27.68
C ARG A 460 -32.76 9.44 -27.91
N TYR A 461 -33.57 9.28 -28.96
CA TYR A 461 -34.63 10.24 -29.24
C TYR A 461 -35.65 10.28 -28.11
N LEU A 462 -35.90 9.15 -27.45
CA LEU A 462 -36.79 9.12 -26.31
C LEU A 462 -36.24 9.96 -25.16
N ARG A 463 -34.95 9.78 -24.85
CA ARG A 463 -34.33 10.60 -23.81
C ARG A 463 -34.22 12.06 -24.25
N GLU A 464 -34.18 12.31 -25.56
CA GLU A 464 -34.13 13.68 -26.05
C GLU A 464 -35.48 14.37 -25.99
N ILE A 465 -36.58 13.63 -25.87
CA ILE A 465 -37.91 14.24 -25.79
C ILE A 465 -38.38 14.24 -24.35
N ILE A 466 -37.47 13.89 -23.44
CA ILE A 466 -37.76 13.84 -22.02
C ILE A 466 -36.72 14.67 -21.29
N GLY A 467 -37.18 15.72 -20.62
CA GLY A 467 -36.32 16.52 -19.77
C GLY A 467 -36.41 16.04 -18.32
N VAL A 468 -35.28 16.05 -17.64
CA VAL A 468 -35.16 15.47 -16.31
C VAL A 468 -34.51 16.48 -15.38
N VAL A 469 -35.12 16.69 -14.22
CA VAL A 469 -34.56 17.47 -13.12
C VAL A 469 -34.64 16.61 -11.87
N SER A 470 -33.49 16.25 -11.32
CA SER A 470 -33.40 15.29 -10.22
C SER A 470 -33.10 16.00 -8.91
N GLN A 471 -33.21 15.24 -7.81
CA GLN A 471 -33.07 15.81 -6.47
C GLN A 471 -31.68 16.40 -6.27
N GLU A 472 -30.64 15.58 -6.43
CA GLU A 472 -29.27 16.05 -6.32
C GLU A 472 -28.78 16.47 -7.69
N PRO A 473 -28.63 17.76 -7.96
CA PRO A 473 -28.14 18.19 -9.27
C PRO A 473 -26.63 18.11 -9.35
N VAL A 474 -26.15 17.82 -10.56
CA VAL A 474 -24.73 17.63 -10.82
C VAL A 474 -24.32 18.49 -12.00
N LEU A 475 -23.19 19.18 -11.86
CA LEU A 475 -22.65 20.04 -12.90
C LEU A 475 -21.22 19.60 -13.20
N PHE A 476 -20.94 19.38 -14.48
CA PHE A 476 -19.62 18.93 -14.89
C PHE A 476 -18.64 20.09 -14.90
N ALA A 477 -17.34 19.75 -14.80
CA ALA A 477 -16.29 20.74 -14.59
C ALA A 477 -15.98 21.46 -15.90
N THR A 478 -16.87 22.38 -16.27
CA THR A 478 -16.70 23.22 -17.44
C THR A 478 -17.33 24.57 -17.14
N THR A 479 -17.58 25.36 -18.18
CA THR A 479 -18.24 26.64 -18.01
C THR A 479 -19.74 26.45 -17.83
N ILE A 480 -20.42 27.52 -17.39
CA ILE A 480 -21.87 27.47 -17.31
C ILE A 480 -22.48 27.24 -18.68
N ALA A 481 -21.98 27.97 -19.68
CA ALA A 481 -22.45 27.77 -21.05
C ALA A 481 -22.20 26.34 -21.53
N GLU A 482 -21.10 25.72 -21.08
CA GLU A 482 -20.83 24.35 -21.47
C GLU A 482 -21.77 23.37 -20.77
N ASN A 483 -22.01 23.56 -19.48
CA ASN A 483 -22.98 22.72 -18.78
C ASN A 483 -24.37 22.88 -19.38
N ILE A 484 -24.72 24.10 -19.78
CA ILE A 484 -25.96 24.32 -20.53
C ILE A 484 -25.83 23.71 -21.92
N ARG A 485 -24.63 23.73 -22.49
CA ARG A 485 -24.39 23.12 -23.80
C ARG A 485 -24.51 21.59 -23.77
N TYR A 486 -24.54 20.99 -22.58
CA TYR A 486 -24.78 19.55 -22.49
C TYR A 486 -26.25 19.19 -22.65
N GLY A 487 -27.12 20.19 -22.79
CA GLY A 487 -28.49 19.93 -23.17
C GLY A 487 -28.57 19.67 -24.66
N ARG A 488 -27.93 20.55 -25.44
CA ARG A 488 -27.80 20.40 -26.88
C ARG A 488 -26.45 20.95 -27.30
N GLU A 489 -25.76 20.21 -28.18
CA GLU A 489 -24.43 20.63 -28.61
C GLU A 489 -24.51 21.85 -29.53
N ASP A 490 -25.50 21.91 -30.40
CA ASP A 490 -25.69 23.06 -31.29
C ASP A 490 -26.56 24.08 -30.55
N VAL A 491 -25.96 25.21 -30.20
CA VAL A 491 -26.64 26.23 -29.41
C VAL A 491 -25.79 27.49 -29.39
N THR A 492 -26.43 28.65 -29.29
CA THR A 492 -25.75 29.93 -29.21
C THR A 492 -26.06 30.58 -27.87
N MET A 493 -25.18 31.50 -27.46
CA MET A 493 -25.35 32.18 -26.17
C MET A 493 -26.70 32.87 -26.06
N ASP A 494 -27.37 33.15 -27.18
CA ASP A 494 -28.74 33.66 -27.14
C ASP A 494 -29.67 32.66 -26.48
N GLU A 495 -29.62 31.40 -26.93
CA GLU A 495 -30.47 30.37 -26.35
C GLU A 495 -30.09 30.10 -24.90
N ILE A 496 -28.78 30.07 -24.61
CA ILE A 496 -28.32 29.96 -23.23
C ILE A 496 -28.91 31.09 -22.39
N GLU A 497 -28.90 32.31 -22.93
CA GLU A 497 -29.41 33.46 -22.20
C GLU A 497 -30.91 33.35 -21.96
N LYS A 498 -31.68 33.02 -23.01
CA LYS A 498 -33.12 32.89 -22.83
C LYS A 498 -33.44 31.75 -21.88
N ALA A 499 -32.67 30.66 -21.94
CA ALA A 499 -32.91 29.53 -21.05
C ALA A 499 -32.71 29.91 -19.59
N VAL A 500 -31.55 30.50 -19.27
CA VAL A 500 -31.28 30.88 -17.89
C VAL A 500 -32.22 32.02 -17.47
N LYS A 501 -32.63 32.87 -18.40
CA LYS A 501 -33.60 33.92 -18.08
C LYS A 501 -35.00 33.35 -17.92
N GLU A 502 -35.31 32.27 -18.65
CA GLU A 502 -36.59 31.59 -18.49
C GLU A 502 -36.65 30.76 -17.22
N ALA A 503 -35.50 30.41 -16.65
CA ALA A 503 -35.43 29.76 -15.34
C ALA A 503 -35.15 30.76 -14.24
N ASN A 504 -35.30 32.06 -14.50
CA ASN A 504 -34.87 33.16 -13.65
C ASN A 504 -33.54 32.87 -12.95
N ALA A 505 -32.64 32.21 -13.67
CA ALA A 505 -31.26 32.00 -13.23
C ALA A 505 -30.31 32.99 -13.87
N TYR A 506 -30.81 33.87 -14.74
CA TYR A 506 -29.96 34.82 -15.43
C TYR A 506 -29.45 35.90 -14.48
N ASP A 507 -30.28 36.32 -13.52
CA ASP A 507 -29.94 37.47 -12.68
C ASP A 507 -28.76 37.16 -11.76
N PHE A 508 -28.70 35.94 -11.20
CA PHE A 508 -27.71 35.67 -10.19
C PHE A 508 -26.35 35.29 -10.78
N ILE A 509 -26.33 34.75 -12.00
CA ILE A 509 -25.04 34.37 -12.58
C ILE A 509 -24.32 35.59 -13.15
N MET A 510 -25.07 36.60 -13.60
CA MET A 510 -24.43 37.79 -14.18
C MET A 510 -23.65 38.57 -13.13
N LYS A 511 -24.14 38.60 -11.89
CA LYS A 511 -23.37 39.20 -10.80
C LYS A 511 -22.06 38.44 -10.55
N LEU A 512 -22.08 37.12 -10.75
CA LEU A 512 -20.88 36.33 -10.60
C LEU A 512 -19.84 36.76 -11.63
N PRO A 513 -18.57 36.84 -11.27
CA PRO A 513 -17.55 37.26 -12.25
C PRO A 513 -17.40 36.27 -13.39
N HIS A 514 -16.79 36.75 -14.47
CA HIS A 514 -16.48 36.03 -15.70
C HIS A 514 -17.71 35.67 -16.52
N GLN A 515 -18.90 36.04 -16.08
CA GLN A 515 -20.17 35.87 -16.83
C GLN A 515 -20.39 34.37 -17.06
N PHE A 516 -20.83 33.98 -18.26
CA PHE A 516 -21.07 32.57 -18.58
C PHE A 516 -19.80 31.72 -18.54
N ASP A 517 -18.62 32.33 -18.50
CA ASP A 517 -17.35 31.61 -18.58
C ASP A 517 -16.83 31.19 -17.20
N THR A 518 -17.71 31.08 -16.21
CA THR A 518 -17.30 30.68 -14.87
C THR A 518 -16.94 29.20 -14.85
N LEU A 519 -16.46 28.73 -13.70
CA LEU A 519 -16.13 27.33 -13.50
C LEU A 519 -17.09 26.71 -12.49
N VAL A 520 -17.35 25.41 -12.66
CA VAL A 520 -18.13 24.61 -11.70
C VAL A 520 -17.45 23.24 -11.58
N GLY A 521 -17.87 22.48 -10.57
CA GLY A 521 -17.42 21.11 -10.41
C GLY A 521 -17.19 20.77 -8.95
N GLU A 522 -16.71 19.55 -8.70
CA GLU A 522 -16.26 19.23 -7.35
C GLU A 522 -15.11 20.14 -6.92
N ARG A 523 -14.33 20.63 -7.88
CA ARG A 523 -13.20 21.49 -7.63
C ARG A 523 -13.49 22.87 -8.21
N GLY A 524 -13.58 23.87 -7.33
CA GLY A 524 -13.72 25.24 -7.76
C GLY A 524 -15.16 25.73 -7.85
N ALA A 525 -15.42 26.89 -7.25
CA ALA A 525 -16.68 27.62 -7.37
C ALA A 525 -17.87 26.74 -6.99
N GLN A 526 -17.89 26.34 -5.72
CA GLN A 526 -19.03 25.63 -5.16
C GLN A 526 -20.14 26.63 -4.82
N LEU A 527 -21.35 26.33 -5.25
CA LEU A 527 -22.45 27.29 -5.23
C LEU A 527 -23.57 26.81 -4.31
N SER A 528 -24.58 27.66 -4.18
CA SER A 528 -25.79 27.29 -3.44
C SER A 528 -26.56 26.21 -4.19
N GLY A 529 -27.23 25.34 -3.41
CA GLY A 529 -27.99 24.26 -4.02
C GLY A 529 -29.10 24.75 -4.92
N GLY A 530 -29.83 25.78 -4.47
CA GLY A 530 -30.91 26.33 -5.28
C GLY A 530 -30.44 26.97 -6.57
N GLN A 531 -29.16 27.30 -6.65
CA GLN A 531 -28.60 27.89 -7.88
C GLN A 531 -28.11 26.82 -8.85
N LYS A 532 -27.56 25.72 -8.33
CA LYS A 532 -27.17 24.61 -9.20
C LYS A 532 -28.38 23.97 -9.85
N GLN A 533 -29.47 23.80 -9.09
CA GLN A 533 -30.68 23.24 -9.66
C GLN A 533 -31.26 24.13 -10.75
N ARG A 534 -31.13 25.46 -10.60
CA ARG A 534 -31.63 26.37 -11.61
C ARG A 534 -30.83 26.26 -12.90
N ILE A 535 -29.53 26.00 -12.81
CA ILE A 535 -28.74 25.73 -14.01
C ILE A 535 -29.15 24.40 -14.62
N ALA A 536 -29.48 23.41 -13.77
CA ALA A 536 -29.94 22.12 -14.28
C ALA A 536 -31.30 22.26 -14.96
N ILE A 537 -32.16 23.14 -14.46
CA ILE A 537 -33.43 23.39 -15.12
C ILE A 537 -33.20 24.05 -16.47
N ALA A 538 -32.26 24.98 -16.55
CA ALA A 538 -31.92 25.60 -17.83
C ALA A 538 -31.29 24.59 -18.77
N ARG A 539 -30.43 23.71 -18.25
CA ARG A 539 -29.87 22.64 -19.06
C ARG A 539 -30.97 21.79 -19.68
N ALA A 540 -31.95 21.38 -18.86
CA ALA A 540 -33.09 20.60 -19.36
C ALA A 540 -34.04 21.46 -20.21
N LEU A 541 -33.94 22.78 -20.12
CA LEU A 541 -34.83 23.65 -20.89
C LEU A 541 -34.34 23.81 -22.32
N VAL A 542 -33.02 23.85 -22.53
CA VAL A 542 -32.48 23.89 -23.88
C VAL A 542 -32.85 22.62 -24.62
N ARG A 543 -33.09 21.53 -23.89
CA ARG A 543 -33.54 20.28 -24.50
C ARG A 543 -34.88 20.44 -25.19
N ASN A 544 -35.64 21.48 -24.87
CA ASN A 544 -37.02 21.71 -25.31
C ASN A 544 -37.82 20.40 -25.34
N PRO A 545 -37.89 19.69 -24.22
CA PRO A 545 -38.53 18.36 -24.24
C PRO A 545 -40.04 18.46 -24.30
N LYS A 546 -40.65 17.41 -24.84
CA LYS A 546 -42.10 17.28 -24.79
C LYS A 546 -42.58 16.64 -23.48
N ILE A 547 -41.72 15.87 -22.82
CA ILE A 547 -42.03 15.22 -21.56
C ILE A 547 -41.11 15.78 -20.49
N LEU A 548 -41.65 16.03 -19.31
CA LEU A 548 -40.88 16.56 -18.19
C LEU A 548 -41.02 15.65 -16.99
N LEU A 549 -39.90 15.32 -16.36
CA LEU A 549 -39.88 14.49 -15.17
C LEU A 549 -39.13 15.23 -14.07
N LEU A 550 -39.83 15.51 -12.96
CA LEU A 550 -39.28 16.26 -11.83
C LEU A 550 -39.33 15.37 -10.60
N ASP A 551 -38.18 14.93 -10.13
CA ASP A 551 -38.08 13.98 -9.04
C ASP A 551 -37.45 14.67 -7.83
N GLU A 552 -38.30 15.11 -6.90
CA GLU A 552 -37.89 15.65 -5.60
C GLU A 552 -36.92 16.82 -5.76
N ALA A 553 -37.05 17.58 -6.84
CA ALA A 553 -36.12 18.68 -7.12
C ALA A 553 -36.19 19.74 -6.03
N THR A 554 -37.37 20.00 -5.48
CA THR A 554 -37.51 20.95 -4.38
C THR A 554 -37.10 20.36 -3.04
N SER A 555 -37.18 19.04 -2.89
CA SER A 555 -36.80 18.39 -1.65
C SER A 555 -35.32 18.56 -1.38
N ALA A 556 -34.95 18.58 -0.10
CA ALA A 556 -33.57 18.77 0.34
C ALA A 556 -32.99 20.07 -0.22
N LEU A 557 -33.65 21.18 0.13
CA LEU A 557 -33.24 22.50 -0.33
C LEU A 557 -33.73 23.53 0.68
N ASP A 558 -32.99 24.63 0.80
CA ASP A 558 -33.35 25.66 1.77
C ASP A 558 -34.69 26.29 1.39
N THR A 559 -35.41 26.77 2.40
CA THR A 559 -36.79 27.20 2.20
C THR A 559 -36.87 28.46 1.35
N GLU A 560 -35.93 29.39 1.52
CA GLU A 560 -36.00 30.67 0.81
C GLU A 560 -35.79 30.47 -0.68
N SER A 561 -34.67 29.85 -1.06
CA SER A 561 -34.39 29.64 -2.48
C SER A 561 -35.31 28.61 -3.10
N GLU A 562 -36.02 27.83 -2.28
CA GLU A 562 -36.98 26.87 -2.82
C GLU A 562 -38.05 27.56 -3.65
N ALA A 563 -38.56 28.69 -3.17
CA ALA A 563 -39.57 29.42 -3.94
C ALA A 563 -38.98 30.01 -5.21
N VAL A 564 -37.70 30.38 -5.20
CA VAL A 564 -37.06 30.91 -6.40
C VAL A 564 -37.00 29.84 -7.48
N VAL A 565 -36.60 28.63 -7.10
CA VAL A 565 -36.57 27.52 -8.05
C VAL A 565 -37.99 27.09 -8.42
N GLN A 566 -38.90 27.10 -7.45
CA GLN A 566 -40.27 26.68 -7.72
C GLN A 566 -40.94 27.57 -8.76
N ALA A 567 -40.61 28.86 -8.74
CA ALA A 567 -41.13 29.75 -9.79
C ALA A 567 -40.63 29.34 -11.16
N ALA A 568 -39.39 28.85 -11.23
CA ALA A 568 -38.83 28.40 -12.51
C ALA A 568 -39.45 27.07 -12.94
N LEU A 569 -39.70 26.18 -11.99
CA LEU A 569 -40.35 24.91 -12.31
C LEU A 569 -41.74 25.15 -12.90
N ASP A 570 -42.53 26.01 -12.25
CA ASP A 570 -43.83 26.37 -12.80
C ASP A 570 -43.71 27.04 -14.16
N LYS A 571 -42.65 27.81 -14.38
CA LYS A 571 -42.37 28.40 -15.69
C LYS A 571 -41.72 27.40 -16.64
N ALA A 572 -41.27 26.24 -16.15
CA ALA A 572 -40.74 25.20 -17.02
C ALA A 572 -41.83 24.31 -17.61
N ARG A 573 -42.92 24.08 -16.87
CA ARG A 573 -44.05 23.31 -17.40
C ARG A 573 -44.90 24.19 -18.30
N GLU A 574 -46.21 23.94 -18.29
CA GLU A 574 -47.22 24.73 -19.02
C GLU A 574 -47.09 24.56 -20.53
N GLY A 575 -45.92 24.18 -21.01
CA GLY A 575 -45.76 23.88 -22.42
C GLY A 575 -45.56 22.39 -22.64
N ARG A 576 -45.57 21.64 -21.55
CA ARG A 576 -45.21 20.22 -21.57
C ARG A 576 -46.14 19.44 -20.65
N THR A 577 -46.17 18.13 -20.88
CA THR A 577 -46.76 17.19 -19.93
C THR A 577 -45.70 16.76 -18.93
N THR A 578 -46.09 16.70 -17.65
CA THR A 578 -45.11 16.58 -16.58
C THR A 578 -45.57 15.59 -15.52
N ILE A 579 -44.68 14.68 -15.13
CA ILE A 579 -44.83 13.85 -13.94
C ILE A 579 -43.86 14.41 -12.90
N VAL A 580 -44.38 14.70 -11.70
CA VAL A 580 -43.57 15.29 -10.65
C VAL A 580 -43.74 14.47 -9.37
N ILE A 581 -42.63 14.29 -8.66
CA ILE A 581 -42.58 13.52 -7.43
C ILE A 581 -41.84 14.36 -6.38
N ALA A 582 -42.44 14.51 -5.21
CA ALA A 582 -41.80 15.24 -4.13
C ALA A 582 -42.54 14.95 -2.83
N HIS A 583 -41.91 15.34 -1.72
CA HIS A 583 -42.54 15.33 -0.41
C HIS A 583 -43.00 16.71 0.02
N ARG A 584 -42.84 17.71 -0.84
CA ARG A 584 -43.34 19.06 -0.59
C ARG A 584 -44.76 19.16 -1.13
N LEU A 585 -45.73 19.17 -0.22
CA LEU A 585 -47.13 19.29 -0.63
C LEU A 585 -47.52 20.73 -0.96
N SER A 586 -46.54 21.63 -1.04
CA SER A 586 -46.82 23.00 -1.50
C SER A 586 -46.97 23.04 -3.01
N THR A 587 -46.12 22.30 -3.73
CA THR A 587 -46.13 22.29 -5.18
C THR A 587 -47.23 21.44 -5.78
N VAL A 588 -47.97 20.68 -4.96
CA VAL A 588 -48.87 19.66 -5.48
C VAL A 588 -50.28 20.20 -5.75
N ARG A 589 -50.70 21.25 -5.05
CA ARG A 589 -52.08 21.71 -5.15
C ARG A 589 -52.46 22.06 -6.58
N ASN A 590 -51.60 22.81 -7.27
CA ASN A 590 -51.89 23.24 -8.62
C ASN A 590 -51.82 22.12 -9.65
N ALA A 591 -51.40 20.92 -9.25
CA ALA A 591 -51.36 19.80 -10.17
C ALA A 591 -52.78 19.38 -10.56
N ASP A 592 -52.97 19.10 -11.84
CA ASP A 592 -54.29 18.71 -12.34
C ASP A 592 -54.77 17.42 -11.72
N VAL A 593 -53.85 16.51 -11.39
CA VAL A 593 -54.18 15.23 -10.79
C VAL A 593 -53.09 14.85 -9.79
N ILE A 594 -53.50 14.22 -8.70
CA ILE A 594 -52.59 13.72 -7.66
C ILE A 594 -52.80 12.23 -7.53
N ALA A 595 -51.72 11.48 -7.31
CA ALA A 595 -51.77 10.03 -7.27
C ALA A 595 -51.05 9.51 -6.04
N GLY A 596 -51.73 8.67 -5.27
CA GLY A 596 -51.18 8.10 -4.05
C GLY A 596 -50.82 6.64 -4.22
N PHE A 597 -49.73 6.23 -3.58
CA PHE A 597 -49.23 4.85 -3.65
C PHE A 597 -49.25 4.24 -2.26
N ASP A 598 -49.62 2.96 -2.19
CA ASP A 598 -49.53 2.19 -0.95
C ASP A 598 -49.05 0.79 -1.32
N GLY A 599 -47.81 0.47 -0.97
CA GLY A 599 -47.24 -0.81 -1.32
C GLY A 599 -47.12 -1.05 -2.81
N GLY A 600 -46.67 -0.04 -3.55
CA GLY A 600 -46.60 -0.12 -4.99
C GLY A 600 -47.93 -0.12 -5.70
N VAL A 601 -49.04 -0.20 -4.98
CA VAL A 601 -50.37 -0.22 -5.57
C VAL A 601 -50.90 1.20 -5.61
N ILE A 602 -51.33 1.65 -6.79
CA ILE A 602 -51.97 2.94 -6.91
C ILE A 602 -53.33 2.87 -6.21
N VAL A 603 -53.55 3.75 -5.24
CA VAL A 603 -54.73 3.70 -4.38
C VAL A 603 -55.70 4.82 -4.71
N GLU A 604 -55.26 6.06 -4.55
CA GLU A 604 -56.13 7.23 -4.72
C GLU A 604 -55.61 8.11 -5.84
N GLN A 605 -56.54 8.70 -6.58
CA GLN A 605 -56.20 9.65 -7.64
C GLN A 605 -57.34 10.65 -7.80
N GLY A 606 -56.97 11.86 -8.19
CA GLY A 606 -57.94 12.90 -8.43
C GLY A 606 -57.36 14.25 -8.06
N ASN A 607 -58.21 15.27 -8.15
CA ASN A 607 -57.83 16.61 -7.75
C ASN A 607 -57.61 16.66 -6.24
N HIS A 608 -56.96 17.75 -5.78
CA HIS A 608 -56.63 17.90 -4.37
C HIS A 608 -57.86 17.76 -3.49
N ASP A 609 -58.94 18.45 -3.85
CA ASP A 609 -60.13 18.46 -3.00
C ASP A 609 -60.75 17.07 -2.92
N GLU A 610 -60.77 16.33 -4.03
CA GLU A 610 -61.36 15.00 -4.03
C GLU A 610 -60.61 14.06 -3.11
N LEU A 611 -59.28 14.14 -3.09
CA LEU A 611 -58.49 13.28 -2.21
C LEU A 611 -58.73 13.60 -0.75
N MET A 612 -59.03 14.86 -0.43
CA MET A 612 -59.35 15.21 0.96
C MET A 612 -60.71 14.65 1.37
N ARG A 613 -61.69 14.69 0.46
CA ARG A 613 -62.98 14.07 0.75
C ARG A 613 -62.85 12.55 0.88
N GLU A 614 -61.91 11.95 0.14
CA GLU A 614 -61.66 10.52 0.28
C GLU A 614 -61.07 10.20 1.65
N LYS A 615 -60.35 11.15 2.26
CA LYS A 615 -59.78 10.99 3.59
C LYS A 615 -58.87 9.77 3.67
N GLY A 616 -58.10 9.54 2.62
CA GLY A 616 -57.26 8.36 2.49
C GLY A 616 -55.80 8.64 2.76
N ILE A 617 -54.93 8.04 1.94
CA ILE A 617 -53.49 8.16 2.16
C ILE A 617 -53.03 9.60 2.02
N TYR A 618 -53.52 10.30 0.99
CA TYR A 618 -53.10 11.66 0.76
C TYR A 618 -53.49 12.57 1.92
N PHE A 619 -54.76 12.53 2.31
CA PHE A 619 -55.22 13.31 3.48
C PHE A 619 -54.44 12.94 4.73
N LYS A 620 -54.00 11.68 4.84
CA LYS A 620 -53.27 11.24 6.02
C LYS A 620 -51.88 11.90 6.06
N LEU A 621 -51.24 12.07 4.91
CA LEU A 621 -49.92 12.69 4.86
C LEU A 621 -49.98 14.21 4.96
N VAL A 622 -51.14 14.82 4.69
CA VAL A 622 -51.26 16.26 4.81
C VAL A 622 -51.31 16.68 6.27
N MET A 623 -52.16 16.02 7.07
CA MET A 623 -52.26 16.34 8.48
C MET A 623 -50.98 15.99 9.25
N THR A 624 -50.22 15.01 8.75
CA THR A 624 -48.99 14.61 9.44
C THR A 624 -47.92 15.69 9.31
N GLN A 625 -47.83 16.34 8.16
CA GLN A 625 -46.83 17.37 7.92
C GLN A 625 -47.36 18.78 8.17
N THR A 626 -48.58 18.91 8.68
CA THR A 626 -49.22 20.20 8.92
C THR A 626 -49.29 21.04 7.65
N PRO A 689 14.32 13.26 7.44
CA PRO A 689 15.49 14.14 7.28
C PRO A 689 16.81 13.36 7.18
N PRO A 690 17.26 13.07 5.96
CA PRO A 690 18.52 12.36 5.80
C PRO A 690 19.70 13.24 6.19
N ALA A 691 20.53 12.74 7.11
CA ALA A 691 21.70 13.47 7.58
C ALA A 691 22.74 12.48 8.06
N SER A 692 23.97 12.97 8.22
CA SER A 692 25.06 12.15 8.72
C SER A 692 24.79 11.80 10.18
N PHE A 693 24.27 10.62 10.42
CA PHE A 693 23.99 10.11 11.76
C PHE A 693 25.05 9.07 12.08
N TRP A 694 26.14 9.52 12.71
CA TRP A 694 27.21 8.61 13.12
C TRP A 694 26.96 8.03 14.51
N ARG A 695 26.18 8.72 15.35
CA ARG A 695 25.96 8.24 16.71
C ARG A 695 25.24 6.89 16.74
N ILE A 696 24.44 6.61 15.70
CA ILE A 696 23.83 5.28 15.60
C ILE A 696 24.92 4.23 15.39
N LEU A 697 25.99 4.58 14.68
CA LEU A 697 27.17 3.73 14.61
C LEU A 697 28.00 3.81 15.88
N LYS A 698 27.90 4.92 16.62
CA LYS A 698 28.59 5.01 17.91
C LYS A 698 27.95 4.09 18.95
N LEU A 699 26.62 3.91 18.87
CA LEU A 699 25.98 2.92 19.73
C LEU A 699 26.34 1.51 19.29
N ASN A 700 26.48 1.28 17.97
CA ASN A 700 26.96 0.02 17.45
C ASN A 700 28.41 -0.25 17.82
N SER A 701 29.17 0.77 18.24
CA SER A 701 30.54 0.60 18.71
C SER A 701 30.63 -0.14 20.04
N THR A 702 29.50 -0.55 20.62
CA THR A 702 29.54 -1.46 21.77
C THR A 702 30.34 -2.72 21.43
N GLU A 703 30.36 -3.10 20.16
CA GLU A 703 31.13 -4.24 19.67
C GLU A 703 32.23 -3.71 18.75
N TRP A 704 33.37 -3.36 19.36
CA TRP A 704 34.57 -3.09 18.56
C TRP A 704 35.01 -4.31 17.77
N PRO A 705 35.04 -5.55 18.33
CA PRO A 705 35.23 -6.72 17.47
C PRO A 705 33.95 -7.12 16.76
N TYR A 706 33.90 -8.36 16.26
CA TYR A 706 32.79 -8.87 15.45
C TYR A 706 32.66 -8.11 14.14
N PHE A 707 32.98 -6.82 14.14
CA PHE A 707 32.99 -6.06 12.90
C PHE A 707 34.33 -6.24 12.18
N VAL A 708 35.43 -5.94 12.87
CA VAL A 708 36.76 -6.11 12.29
C VAL A 708 36.94 -7.55 11.82
N VAL A 709 36.38 -8.50 12.56
CA VAL A 709 36.37 -9.90 12.10
C VAL A 709 35.68 -10.00 10.76
N GLY A 710 34.48 -9.44 10.65
CA GLY A 710 33.74 -9.52 9.41
C GLY A 710 34.36 -8.74 8.28
N ILE A 711 34.81 -7.51 8.56
CA ILE A 711 35.40 -6.67 7.52
C ILE A 711 36.65 -7.32 6.95
N PHE A 712 37.60 -7.64 7.83
CA PHE A 712 38.82 -8.32 7.40
C PHE A 712 38.49 -9.64 6.71
N CYS A 713 37.45 -10.33 7.17
CA CYS A 713 37.04 -11.57 6.51
C CYS A 713 36.34 -11.29 5.18
N ALA A 714 35.62 -10.16 5.08
CA ALA A 714 34.97 -9.82 3.83
C ALA A 714 35.98 -9.35 2.78
N ILE A 715 37.01 -8.61 3.21
CA ILE A 715 38.01 -8.14 2.27
C ILE A 715 38.84 -9.30 1.75
N ILE A 716 39.14 -10.28 2.60
CA ILE A 716 39.79 -11.50 2.14
C ILE A 716 38.90 -12.21 1.12
N ASN A 717 37.61 -12.33 1.42
CA ASN A 717 36.68 -12.89 0.45
C ASN A 717 36.60 -12.04 -0.81
N GLY A 718 36.80 -10.72 -0.67
CA GLY A 718 36.86 -9.87 -1.84
C GLY A 718 38.08 -10.14 -2.69
N GLY A 719 39.26 -10.17 -2.08
CA GLY A 719 40.48 -10.48 -2.79
C GLY A 719 40.54 -11.89 -3.33
N LEU A 720 39.63 -12.76 -2.89
CA LEU A 720 39.65 -14.17 -3.25
C LEU A 720 38.81 -14.47 -4.49
N GLN A 721 37.76 -13.68 -4.75
CA GLN A 721 36.93 -13.91 -5.93
C GLN A 721 37.69 -13.77 -7.24
N PRO A 722 38.48 -12.70 -7.48
CA PRO A 722 39.16 -12.60 -8.78
C PRO A 722 40.20 -13.69 -8.98
N ALA A 723 40.71 -14.29 -7.90
CA ALA A 723 41.66 -15.39 -8.04
C ALA A 723 41.02 -16.58 -8.73
N PHE A 724 39.70 -16.75 -8.61
CA PHE A 724 39.02 -17.75 -9.42
C PHE A 724 39.07 -17.38 -10.90
N SER A 725 38.89 -16.10 -11.22
CA SER A 725 39.09 -15.63 -12.59
C SER A 725 40.56 -15.74 -12.99
N VAL A 726 41.47 -15.58 -12.04
CA VAL A 726 42.89 -15.79 -12.32
C VAL A 726 43.17 -17.25 -12.59
N ILE A 727 42.59 -18.14 -11.77
CA ILE A 727 42.70 -19.58 -12.02
C ILE A 727 42.14 -19.92 -13.39
N PHE A 728 40.92 -19.46 -13.66
CA PHE A 728 40.30 -19.69 -14.97
C PHE A 728 41.17 -19.15 -16.10
N SER A 729 41.79 -17.99 -15.89
CA SER A 729 42.63 -17.40 -16.92
C SER A 729 43.84 -18.26 -17.23
N LYS A 730 44.40 -18.93 -16.22
CA LYS A 730 45.58 -19.76 -16.41
C LYS A 730 45.25 -21.22 -16.68
N VAL A 731 44.05 -21.68 -16.35
CA VAL A 731 43.61 -22.99 -16.82
C VAL A 731 43.46 -22.98 -18.33
N VAL A 732 42.91 -21.89 -18.87
CA VAL A 732 42.89 -21.69 -20.31
C VAL A 732 44.22 -21.11 -20.80
N GLY A 733 44.89 -20.32 -19.96
CA GLY A 733 46.15 -19.71 -20.33
C GLY A 733 47.27 -20.69 -20.59
N VAL A 734 47.60 -21.52 -19.59
CA VAL A 734 48.67 -22.49 -19.77
C VAL A 734 48.29 -23.53 -20.81
N PHE A 735 46.99 -23.75 -21.02
CA PHE A 735 46.56 -24.70 -22.04
C PHE A 735 46.73 -24.12 -23.44
N THR A 736 46.46 -22.82 -23.60
CA THR A 736 46.74 -22.16 -24.87
C THR A 736 48.24 -21.92 -25.04
N ASN A 737 48.93 -21.58 -23.96
CA ASN A 737 50.36 -21.38 -23.96
C ASN A 737 51.14 -22.68 -23.70
N GLY A 738 50.54 -23.83 -24.02
CA GLY A 738 51.10 -25.09 -23.58
C GLY A 738 52.43 -25.43 -24.22
N GLY A 739 52.47 -25.44 -25.55
CA GLY A 739 53.62 -25.93 -26.26
C GLY A 739 53.70 -27.44 -26.22
N PRO A 740 54.71 -27.98 -25.54
CA PRO A 740 54.81 -29.43 -25.36
C PRO A 740 53.65 -29.94 -24.52
N PRO A 741 52.89 -30.91 -25.05
CA PRO A 741 51.64 -31.30 -24.38
C PRO A 741 51.80 -32.27 -23.22
N GLU A 742 53.00 -32.80 -22.98
CA GLU A 742 53.16 -33.79 -21.92
C GLU A 742 52.93 -33.17 -20.54
N THR A 743 53.47 -31.97 -20.31
CA THR A 743 53.36 -31.34 -19.00
C THR A 743 51.96 -30.83 -18.71
N GLN A 744 51.12 -30.66 -19.73
CA GLN A 744 49.83 -30.01 -19.56
C GLN A 744 48.91 -30.83 -18.66
N ARG A 745 48.78 -32.12 -18.95
CA ARG A 745 47.79 -32.95 -18.26
C ARG A 745 48.03 -33.00 -16.76
N GLN A 746 49.29 -32.95 -16.33
CA GLN A 746 49.60 -32.94 -14.91
C GLN A 746 49.31 -31.59 -14.26
N ASN A 747 49.38 -30.51 -15.03
CA ASN A 747 49.15 -29.17 -14.47
C ASN A 747 47.67 -28.87 -14.27
N SER A 748 46.82 -29.33 -15.19
CA SER A 748 45.39 -29.04 -15.07
C SER A 748 44.81 -29.69 -13.82
N ASN A 749 45.35 -30.82 -13.40
CA ASN A 749 44.90 -31.42 -12.14
C ASN A 749 45.27 -30.56 -10.95
N LEU A 750 46.43 -29.91 -10.99
CA LEU A 750 46.87 -29.06 -9.89
C LEU A 750 46.00 -27.82 -9.76
N PHE A 751 45.64 -27.21 -10.89
CA PHE A 751 44.82 -26.00 -10.86
C PHE A 751 43.43 -26.29 -10.33
N SER A 752 42.75 -27.30 -10.88
CA SER A 752 41.41 -27.65 -10.42
C SER A 752 41.39 -27.99 -8.94
N LEU A 753 42.48 -28.58 -8.43
CA LEU A 753 42.57 -28.84 -7.00
C LEU A 753 42.65 -27.54 -6.20
N LEU A 754 43.55 -26.63 -6.60
CA LEU A 754 43.67 -25.35 -5.92
C LEU A 754 42.37 -24.57 -5.96
N PHE A 755 41.68 -24.58 -7.10
CA PHE A 755 40.37 -23.95 -7.20
C PHE A 755 39.45 -24.46 -6.09
N LEU A 756 39.42 -25.77 -5.88
CA LEU A 756 38.56 -26.33 -4.84
C LEU A 756 39.08 -26.02 -3.45
N ILE A 757 40.39 -25.78 -3.32
CA ILE A 757 40.93 -25.31 -2.06
C ILE A 757 40.60 -23.83 -1.86
N LEU A 758 40.52 -23.06 -2.95
CA LEU A 758 40.07 -21.68 -2.83
C LEU A 758 38.58 -21.59 -2.57
N GLY A 759 37.80 -22.53 -3.11
CA GLY A 759 36.37 -22.51 -2.86
C GLY A 759 36.03 -22.81 -1.42
N ILE A 760 36.70 -23.80 -0.83
CA ILE A 760 36.45 -24.11 0.58
C ILE A 760 36.98 -22.98 1.46
N ILE A 761 38.07 -22.32 1.06
CA ILE A 761 38.55 -21.16 1.80
C ILE A 761 37.67 -19.95 1.54
N SER A 762 36.89 -19.97 0.45
CA SER A 762 35.87 -18.95 0.23
C SER A 762 34.63 -19.21 1.07
N PHE A 763 34.25 -20.47 1.21
CA PHE A 763 33.14 -20.82 2.09
C PHE A 763 33.45 -20.45 3.53
N ILE A 764 34.66 -20.75 4.00
CA ILE A 764 35.02 -20.48 5.38
C ILE A 764 34.98 -18.98 5.67
N THR A 765 35.46 -18.17 4.74
CA THR A 765 35.47 -16.73 4.98
C THR A 765 34.09 -16.12 4.80
N PHE A 766 33.23 -16.71 3.97
CA PHE A 766 31.90 -16.15 3.77
C PHE A 766 31.02 -16.35 4.99
N PHE A 767 31.05 -17.56 5.58
CA PHE A 767 30.25 -17.83 6.76
C PHE A 767 30.61 -16.88 7.90
N LEU A 768 31.90 -16.56 8.03
CA LEU A 768 32.33 -15.64 9.08
C LEU A 768 31.75 -14.25 8.87
N GLN A 769 32.02 -13.65 7.70
CA GLN A 769 31.52 -12.31 7.43
C GLN A 769 30.00 -12.23 7.49
N GLY A 770 29.31 -13.37 7.40
CA GLY A 770 27.87 -13.38 7.57
C GLY A 770 27.49 -13.52 9.03
N PHE A 771 28.06 -14.52 9.70
CA PHE A 771 27.75 -14.75 11.11
C PHE A 771 28.12 -13.54 11.97
N THR A 772 29.31 -12.98 11.74
CA THR A 772 29.77 -11.85 12.54
C THR A 772 28.83 -10.66 12.40
N PHE A 773 28.47 -10.31 11.15
CA PHE A 773 27.53 -9.22 10.92
C PHE A 773 26.15 -9.56 11.47
N GLY A 774 25.73 -10.82 11.31
CA GLY A 774 24.42 -11.22 11.79
C GLY A 774 24.28 -11.07 13.29
N LYS A 775 25.21 -11.69 14.04
CA LYS A 775 25.19 -11.55 15.49
C LYS A 775 25.35 -10.09 15.91
N ALA A 776 26.22 -9.35 15.22
CA ALA A 776 26.40 -7.93 15.52
C ALA A 776 25.16 -7.12 15.20
N GLY A 777 24.31 -7.60 14.29
CA GLY A 777 23.07 -6.91 13.99
C GLY A 777 21.97 -7.25 14.96
N GLU A 778 21.94 -8.50 15.42
CA GLU A 778 20.87 -8.94 16.30
C GLU A 778 21.02 -8.37 17.70
N ILE A 779 22.25 -8.11 18.15
CA ILE A 779 22.44 -7.62 19.51
C ILE A 779 22.07 -6.14 19.61
N LEU A 780 22.43 -5.33 18.61
CA LEU A 780 22.00 -3.94 18.63
C LEU A 780 20.51 -3.81 18.41
N THR A 781 19.87 -4.82 17.83
CA THR A 781 18.41 -4.83 17.76
C THR A 781 17.80 -4.86 19.16
N LYS A 782 18.40 -5.64 20.07
CA LYS A 782 17.92 -5.66 21.45
C LYS A 782 18.22 -4.34 22.14
N ARG A 783 19.45 -3.83 22.00
CA ARG A 783 19.80 -2.56 22.63
C ARG A 783 18.90 -1.42 22.17
N LEU A 784 18.59 -1.37 20.87
CA LEU A 784 17.74 -0.32 20.36
C LEU A 784 16.31 -0.47 20.88
N ARG A 785 15.72 -1.65 20.72
CA ARG A 785 14.35 -1.87 21.19
C ARG A 785 14.24 -1.74 22.70
N TYR A 786 15.33 -2.02 23.43
CA TYR A 786 15.32 -1.85 24.88
C TYR A 786 15.34 -0.37 25.24
N MET A 787 16.29 0.39 24.67
CA MET A 787 16.40 1.80 25.00
C MET A 787 15.18 2.59 24.53
N VAL A 788 14.63 2.22 23.37
CA VAL A 788 13.41 2.88 22.88
C VAL A 788 12.26 2.58 23.82
N PHE A 789 12.00 1.29 24.08
CA PHE A 789 10.91 0.92 24.97
C PHE A 789 11.13 1.47 26.37
N LYS A 790 12.39 1.65 26.79
CA LYS A 790 12.66 2.30 28.06
C LYS A 790 12.31 3.79 27.99
N SER A 791 12.81 4.49 26.97
CA SER A 791 12.48 5.89 26.82
C SER A 791 11.00 6.11 26.54
N MET A 792 10.33 5.12 25.94
CA MET A 792 8.89 5.25 25.70
C MET A 792 8.11 5.21 27.01
N LEU A 793 8.50 4.35 27.95
CA LEU A 793 7.89 4.33 29.27
C LEU A 793 8.25 5.54 30.11
N ARG A 794 9.15 6.40 29.62
CA ARG A 794 9.53 7.59 30.38
C ARG A 794 8.55 8.73 30.15
N GLN A 795 8.02 8.86 28.93
CA GLN A 795 7.14 9.98 28.61
C GLN A 795 5.86 9.94 29.46
N ASP A 796 5.27 11.11 29.64
CA ASP A 796 4.07 11.26 30.45
C ASP A 796 2.82 11.11 29.60
N VAL A 797 1.66 11.04 30.26
CA VAL A 797 0.38 10.84 29.59
C VAL A 797 0.13 11.89 28.52
N SER A 798 0.75 13.07 28.63
CA SER A 798 0.62 14.09 27.60
C SER A 798 1.04 13.57 26.23
N TRP A 799 2.03 12.67 26.19
CA TRP A 799 2.52 12.17 24.91
C TRP A 799 1.66 11.04 24.37
N PHE A 800 1.21 10.12 25.23
CA PHE A 800 0.43 8.98 24.80
C PHE A 800 -0.99 9.36 24.37
N ASP A 801 -1.45 10.57 24.70
CA ASP A 801 -2.75 11.04 24.22
C ASP A 801 -2.70 11.57 22.79
N ASP A 802 -1.50 11.82 22.27
CA ASP A 802 -1.34 12.37 20.93
C ASP A 802 -2.04 11.48 19.91
N PRO A 803 -2.88 12.04 19.02
CA PRO A 803 -3.38 11.24 17.90
C PRO A 803 -2.28 10.69 17.01
N LYS A 804 -1.09 11.30 17.01
CA LYS A 804 0.03 10.77 16.27
C LYS A 804 0.48 9.42 16.83
N ASN A 805 0.48 9.29 18.16
CA ASN A 805 1.04 8.12 18.84
C ASN A 805 -0.11 7.31 19.44
N THR A 806 -0.52 6.26 18.75
CA THR A 806 -1.41 5.25 19.28
C THR A 806 -0.65 3.95 19.49
N THR A 807 -1.27 3.03 20.23
CA THR A 807 -0.59 1.79 20.61
C THR A 807 -0.08 1.04 19.38
N GLY A 808 -0.86 1.02 18.30
CA GLY A 808 -0.42 0.34 17.09
C GLY A 808 0.71 1.09 16.39
N ALA A 809 0.57 2.40 16.26
CA ALA A 809 1.60 3.19 15.61
C ALA A 809 2.91 3.19 16.37
N LEU A 810 2.88 2.90 17.67
CA LEU A 810 4.11 2.82 18.44
C LEU A 810 4.78 1.47 18.29
N THR A 811 4.01 0.37 18.33
CA THR A 811 4.59 -0.95 18.11
C THR A 811 5.15 -1.09 16.70
N THR A 812 4.51 -0.45 15.72
CA THR A 812 5.04 -0.46 14.35
C THR A 812 6.31 0.39 14.26
N ARG A 813 6.30 1.58 14.87
CA ARG A 813 7.52 2.38 14.96
C ARG A 813 8.60 1.65 15.75
N LEU A 814 8.19 0.77 16.68
CA LEU A 814 9.14 0.01 17.49
C LEU A 814 9.77 -1.12 16.71
N ALA A 815 9.01 -1.76 15.82
CA ALA A 815 9.52 -2.90 15.07
C ALA A 815 10.29 -2.47 13.83
N ASN A 816 9.73 -1.54 13.05
CA ASN A 816 10.34 -1.16 11.77
C ASN A 816 11.68 -0.47 11.97
N ASP A 817 11.73 0.53 12.85
CA ASP A 817 12.95 1.31 13.01
C ASP A 817 14.12 0.46 13.52
N ALA A 818 13.82 -0.58 14.29
CA ALA A 818 14.89 -1.43 14.82
C ALA A 818 15.39 -2.43 13.78
N ALA A 819 14.50 -2.94 12.93
CA ALA A 819 14.92 -3.89 11.90
C ALA A 819 15.60 -3.20 10.73
N GLN A 820 15.23 -1.94 10.44
CA GLN A 820 15.79 -1.26 9.27
C GLN A 820 17.26 -0.89 9.49
N VAL A 821 17.60 -0.43 10.70
CA VAL A 821 18.99 -0.08 10.98
C VAL A 821 19.87 -1.33 11.00
N LYS A 822 19.29 -2.49 11.33
CA LYS A 822 20.05 -3.74 11.28
C LYS A 822 20.48 -4.06 9.84
N GLY A 823 19.63 -3.76 8.87
CA GLY A 823 19.96 -4.04 7.49
C GLY A 823 21.06 -3.14 6.94
N ALA A 824 21.15 -1.90 7.45
CA ALA A 824 22.16 -0.97 6.96
C ALA A 824 23.56 -1.41 7.40
N THR A 825 23.72 -1.73 8.68
CA THR A 825 24.99 -2.23 9.18
C THR A 825 25.18 -3.72 8.93
N GLY A 826 24.20 -4.39 8.33
CA GLY A 826 24.25 -5.83 8.14
C GLY A 826 24.89 -6.26 6.84
N SER A 827 24.13 -7.03 6.04
CA SER A 827 24.70 -7.67 4.87
C SER A 827 25.20 -6.66 3.84
N ARG A 828 24.45 -5.56 3.66
CA ARG A 828 24.80 -4.60 2.62
C ARG A 828 26.20 -4.02 2.84
N LEU A 829 26.60 -3.83 4.10
CA LEU A 829 27.92 -3.28 4.38
C LEU A 829 29.00 -4.33 4.20
N ALA A 830 28.78 -5.54 4.73
CA ALA A 830 29.73 -6.63 4.52
C ALA A 830 29.90 -6.91 3.03
N VAL A 831 28.83 -6.78 2.26
CA VAL A 831 28.93 -6.97 0.82
C VAL A 831 29.61 -5.78 0.16
N ILE A 832 29.27 -4.54 0.56
CA ILE A 832 29.85 -3.37 -0.08
C ILE A 832 31.35 -3.29 0.14
N PHE A 833 31.86 -3.92 1.20
CA PHE A 833 33.29 -3.97 1.44
C PHE A 833 33.93 -5.18 0.75
N GLN A 834 33.20 -6.29 0.69
CA GLN A 834 33.68 -7.46 -0.05
C GLN A 834 33.81 -7.15 -1.53
N ASN A 835 32.96 -6.27 -2.06
CA ASN A 835 32.98 -6.00 -3.50
C ASN A 835 34.02 -4.95 -3.86
N ILE A 836 34.14 -3.88 -3.07
CA ILE A 836 35.20 -2.90 -3.34
C ILE A 836 36.57 -3.56 -3.20
N ALA A 837 36.68 -4.56 -2.32
CA ALA A 837 37.89 -5.36 -2.28
C ALA A 837 37.99 -6.30 -3.47
N ASN A 838 36.85 -6.75 -4.00
CA ASN A 838 36.87 -7.65 -5.14
C ASN A 838 37.35 -6.93 -6.39
N LEU A 839 36.82 -5.74 -6.66
CA LEU A 839 37.31 -4.96 -7.79
C LEU A 839 38.74 -4.50 -7.55
N GLY A 840 39.03 -4.01 -6.33
CA GLY A 840 40.37 -3.51 -6.03
C GLY A 840 41.45 -4.55 -6.24
N THR A 841 41.24 -5.74 -5.69
CA THR A 841 42.18 -6.84 -5.92
C THR A 841 42.13 -7.35 -7.36
N GLY A 842 41.09 -7.01 -8.11
CA GLY A 842 41.03 -7.38 -9.52
C GLY A 842 41.67 -6.34 -10.41
N ILE A 843 41.43 -5.07 -10.10
CA ILE A 843 41.99 -4.00 -10.94
C ILE A 843 43.51 -3.96 -10.82
N ILE A 844 44.07 -4.29 -9.65
CA ILE A 844 45.51 -4.28 -9.49
C ILE A 844 46.15 -5.36 -10.36
N ILE A 845 45.64 -6.59 -10.27
CA ILE A 845 46.17 -7.69 -11.07
C ILE A 845 46.09 -7.37 -12.55
N SER A 846 44.96 -6.83 -13.00
CA SER A 846 44.81 -6.48 -14.41
C SER A 846 45.73 -5.34 -14.79
N LEU A 847 45.82 -4.31 -13.95
CA LEU A 847 46.71 -3.19 -14.22
C LEU A 847 48.17 -3.61 -14.12
N ILE A 848 48.49 -4.58 -13.25
CA ILE A 848 49.87 -5.05 -13.09
C ILE A 848 50.23 -6.09 -14.12
N TYR A 849 49.29 -6.53 -14.96
CA TYR A 849 49.58 -7.48 -16.03
C TYR A 849 49.68 -6.78 -17.38
N GLY A 850 48.66 -6.93 -18.22
CA GLY A 850 48.69 -6.38 -19.55
C GLY A 850 48.87 -4.88 -19.61
N TRP A 851 49.77 -4.41 -20.47
CA TRP A 851 50.07 -3.00 -20.65
C TRP A 851 49.24 -2.42 -21.78
N GLN A 852 48.76 -1.19 -21.59
CA GLN A 852 47.90 -0.50 -22.55
C GLN A 852 46.59 -1.25 -22.77
N LEU A 853 46.51 -2.47 -22.22
CA LEU A 853 45.33 -3.31 -22.41
C LEU A 853 44.29 -2.98 -21.35
N THR A 854 44.69 -2.97 -20.08
CA THR A 854 43.78 -2.59 -19.02
C THR A 854 43.36 -1.12 -19.16
N LEU A 855 44.30 -0.27 -19.55
CA LEU A 855 44.00 1.15 -19.72
C LEU A 855 42.94 1.38 -20.79
N LEU A 856 42.86 0.50 -21.78
CA LEU A 856 41.81 0.61 -22.79
C LEU A 856 40.47 0.14 -22.22
N LEU A 857 40.44 -1.05 -21.60
CA LEU A 857 39.20 -1.56 -21.03
C LEU A 857 38.62 -0.63 -19.98
N LEU A 858 39.48 0.11 -19.28
CA LEU A 858 39.02 1.09 -18.31
C LEU A 858 38.46 2.35 -18.97
N ALA A 859 38.65 2.50 -20.28
CA ALA A 859 37.97 3.56 -21.01
C ALA A 859 36.64 3.09 -21.58
N ILE A 860 36.50 1.79 -21.83
CA ILE A 860 35.31 1.26 -22.48
C ILE A 860 34.24 0.89 -21.45
N VAL A 861 34.64 0.20 -20.38
CA VAL A 861 33.66 -0.32 -19.43
C VAL A 861 32.86 0.79 -18.75
N PRO A 862 33.47 1.88 -18.25
CA PRO A 862 32.65 2.93 -17.63
C PRO A 862 31.65 3.56 -18.56
N ILE A 863 31.95 3.66 -19.85
CA ILE A 863 31.05 4.32 -20.79
C ILE A 863 29.81 3.47 -21.04
N ILE A 864 29.98 2.15 -21.23
CA ILE A 864 28.82 1.29 -21.42
C ILE A 864 28.03 1.17 -20.13
N ALA A 865 28.68 1.36 -18.98
CA ALA A 865 27.96 1.36 -17.72
C ALA A 865 27.13 2.64 -17.57
N ILE A 866 27.74 3.79 -17.87
CA ILE A 866 27.01 5.05 -17.84
C ILE A 866 25.89 5.05 -18.87
N ALA A 867 26.19 4.58 -20.09
CA ALA A 867 25.17 4.50 -21.13
C ALA A 867 24.04 3.56 -20.72
N GLY A 868 24.35 2.55 -19.91
CA GLY A 868 23.29 1.71 -19.37
C GLY A 868 22.47 2.41 -18.31
N VAL A 869 23.05 3.40 -17.64
CA VAL A 869 22.33 4.14 -16.62
C VAL A 869 21.42 5.18 -17.24
N VAL A 870 21.93 5.93 -18.23
CA VAL A 870 21.15 7.00 -18.83
C VAL A 870 19.92 6.47 -19.54
N GLU A 871 20.00 5.25 -20.10
CA GLU A 871 18.83 4.63 -20.69
C GLU A 871 17.73 4.44 -19.66
N MET A 872 18.10 3.99 -18.46
CA MET A 872 17.10 3.80 -17.41
C MET A 872 16.51 5.13 -16.96
N LYS A 873 17.30 6.21 -16.97
CA LYS A 873 16.77 7.52 -16.60
C LYS A 873 15.73 7.99 -17.61
N MET A 874 16.04 7.90 -18.90
CA MET A 874 15.08 8.27 -19.92
C MET A 874 13.86 7.36 -19.89
N LEU A 875 14.04 6.09 -19.52
CA LEU A 875 12.91 5.18 -19.39
C LEU A 875 11.96 5.65 -18.30
N SER A 876 12.50 6.05 -17.14
CA SER A 876 11.65 6.51 -16.05
C SER A 876 11.00 7.85 -16.38
N GLY A 877 11.73 8.72 -17.08
CA GLY A 877 11.15 9.99 -17.48
C GLY A 877 9.97 9.83 -18.43
N GLN A 878 10.13 8.95 -19.43
CA GLN A 878 9.01 8.66 -20.33
C GLN A 878 7.86 8.00 -19.57
N ALA A 879 8.19 7.16 -18.59
CA ALA A 879 7.16 6.49 -17.81
C ALA A 879 6.36 7.49 -16.98
N LEU A 880 7.06 8.38 -16.28
CA LEU A 880 6.37 9.40 -15.48
C LEU A 880 5.58 10.34 -16.38
N LYS A 881 6.12 10.69 -17.54
CA LYS A 881 5.43 11.61 -18.44
C LYS A 881 4.13 11.00 -18.96
N ASP A 882 4.18 9.75 -19.40
CA ASP A 882 2.98 9.08 -19.88
C ASP A 882 1.96 8.87 -18.76
N LYS A 883 2.44 8.64 -17.54
CA LYS A 883 1.53 8.55 -16.40
C LYS A 883 0.78 9.86 -16.17
N LYS A 884 1.45 11.00 -16.41
CA LYS A 884 0.82 12.30 -16.21
C LYS A 884 -0.23 12.59 -17.29
N GLU A 885 -0.03 12.07 -18.50
CA GLU A 885 -0.88 12.42 -19.64
C GLU A 885 -2.16 11.59 -19.70
N LEU A 886 -2.05 10.27 -19.57
CA LEU A 886 -3.26 9.44 -19.49
C LEU A 886 -4.05 9.72 -18.22
N GLU A 887 -3.43 10.38 -17.23
CA GLU A 887 -4.14 10.77 -16.02
C GLU A 887 -5.22 11.81 -16.31
N GLY A 888 -4.94 12.74 -17.21
CA GLY A 888 -5.95 13.71 -17.60
C GLY A 888 -7.10 13.08 -18.36
N SER A 889 -6.84 12.02 -19.11
CA SER A 889 -7.90 11.30 -19.80
C SER A 889 -8.76 10.54 -18.80
N GLY A 890 -8.15 9.68 -17.99
CA GLY A 890 -8.87 8.96 -16.96
C GLY A 890 -9.58 9.87 -15.97
N LYS A 891 -9.15 11.13 -15.87
CA LYS A 891 -9.85 12.09 -15.01
C LYS A 891 -11.20 12.45 -15.60
N ILE A 892 -11.24 12.73 -16.91
CA ILE A 892 -12.52 12.98 -17.55
C ILE A 892 -13.30 11.69 -17.79
N ALA A 893 -12.62 10.54 -17.73
CA ALA A 893 -13.35 9.27 -17.68
C ALA A 893 -13.95 9.05 -16.30
N THR A 894 -13.22 9.45 -15.26
CA THR A 894 -13.77 9.37 -13.90
C THR A 894 -15.02 10.23 -13.78
N GLU A 895 -14.99 11.44 -14.32
CA GLU A 895 -16.16 12.32 -14.27
C GLU A 895 -17.31 11.73 -15.07
N ALA A 896 -17.02 11.12 -16.22
CA ALA A 896 -18.08 10.58 -17.08
C ALA A 896 -18.80 9.41 -16.41
N ILE A 897 -18.05 8.49 -15.81
CA ILE A 897 -18.65 7.26 -15.33
C ILE A 897 -19.13 7.36 -13.88
N GLU A 898 -18.59 8.28 -13.08
CA GLU A 898 -19.08 8.43 -11.71
C GLU A 898 -20.41 9.18 -11.70
N ASN A 899 -20.58 10.15 -12.59
CA ASN A 899 -21.85 10.84 -12.79
C ASN A 899 -22.68 10.21 -13.91
N PHE A 900 -22.50 8.90 -14.16
CA PHE A 900 -23.02 8.29 -15.38
C PHE A 900 -24.54 8.45 -15.47
N ARG A 901 -25.26 8.03 -14.44
CA ARG A 901 -26.72 8.02 -14.52
C ARG A 901 -27.28 9.38 -14.92
N THR A 902 -26.53 10.46 -14.71
CA THR A 902 -26.95 11.77 -15.18
C THR A 902 -26.65 11.95 -16.66
N VAL A 903 -25.45 11.59 -17.10
CA VAL A 903 -25.09 11.83 -18.50
C VAL A 903 -26.02 11.05 -19.42
N VAL A 904 -26.30 9.79 -19.10
CA VAL A 904 -27.17 8.98 -19.95
C VAL A 904 -28.59 9.57 -19.98
N SER A 905 -29.01 10.21 -18.90
CA SER A 905 -30.33 10.85 -18.89
C SER A 905 -30.36 12.05 -19.83
N LEU A 906 -29.20 12.68 -20.06
CA LEU A 906 -29.07 13.79 -20.99
C LEU A 906 -28.53 13.35 -22.35
N THR A 907 -28.41 12.04 -22.57
CA THR A 907 -27.70 11.47 -23.72
C THR A 907 -26.28 12.03 -23.69
N ARG A 908 -25.80 12.71 -24.74
CA ARG A 908 -24.47 13.32 -24.74
C ARG A 908 -23.38 12.34 -24.33
N GLU A 909 -23.64 11.03 -24.44
CA GLU A 909 -22.58 10.06 -24.23
C GLU A 909 -21.52 10.16 -25.31
N GLN A 910 -21.95 10.40 -26.56
CA GLN A 910 -21.03 10.64 -27.66
C GLN A 910 -20.10 11.81 -27.35
N LYS A 911 -20.57 12.77 -26.55
CA LYS A 911 -19.73 13.91 -26.18
C LYS A 911 -18.53 13.44 -25.35
N PHE A 912 -18.80 12.69 -24.27
CA PHE A 912 -17.71 12.16 -23.47
C PHE A 912 -16.83 11.20 -24.25
N GLU A 913 -17.39 10.52 -25.25
CA GLU A 913 -16.58 9.69 -26.14
C GLU A 913 -15.56 10.54 -26.88
N THR A 914 -16.02 11.65 -27.48
CA THR A 914 -15.11 12.50 -28.24
C THR A 914 -14.09 13.18 -27.34
N MET A 915 -14.51 13.59 -26.13
CA MET A 915 -13.56 14.19 -25.19
C MET A 915 -12.48 13.19 -24.81
N TYR A 916 -12.87 11.96 -24.47
CA TYR A 916 -11.89 10.95 -24.10
C TYR A 916 -10.98 10.60 -25.27
N ALA A 917 -11.51 10.65 -26.49
CA ALA A 917 -10.69 10.36 -27.66
C ALA A 917 -9.64 11.44 -27.87
N GLN A 918 -10.04 12.71 -27.79
CA GLN A 918 -9.08 13.80 -27.93
C GLN A 918 -8.02 13.76 -26.83
N SER A 919 -8.40 13.30 -25.64
CA SER A 919 -7.43 13.21 -24.54
C SER A 919 -6.37 12.16 -24.82
N LEU A 920 -6.77 11.04 -25.43
CA LEU A 920 -5.84 9.96 -25.70
C LEU A 920 -4.93 10.22 -26.89
N GLN A 921 -5.25 11.20 -27.73
CA GLN A 921 -4.48 11.40 -28.95
C GLN A 921 -3.05 11.84 -28.64
N ILE A 922 -2.84 12.49 -27.51
CA ILE A 922 -1.51 12.96 -27.15
C ILE A 922 -0.66 11.77 -26.68
N PRO A 923 -1.12 10.92 -25.75
CA PRO A 923 -0.33 9.72 -25.43
C PRO A 923 -0.15 8.77 -26.61
N TYR A 924 -1.01 8.86 -27.63
CA TYR A 924 -0.82 8.03 -28.81
C TYR A 924 0.41 8.49 -29.60
N ARG A 925 0.41 9.74 -30.04
CA ARG A 925 1.59 10.28 -30.71
C ARG A 925 2.82 10.24 -29.81
N ASN A 926 2.60 10.29 -28.49
CA ASN A 926 3.69 10.06 -27.55
C ASN A 926 4.18 8.62 -27.64
N ALA A 927 3.25 7.66 -27.62
CA ALA A 927 3.62 6.25 -27.68
C ALA A 927 4.31 5.89 -28.99
N MET A 928 4.07 6.66 -30.05
CA MET A 928 4.79 6.44 -31.30
C MET A 928 6.27 6.80 -31.15
N LYS A 929 6.55 7.95 -30.54
CA LYS A 929 7.93 8.33 -30.29
C LYS A 929 8.60 7.41 -29.28
N LYS A 930 7.82 6.81 -28.38
CA LYS A 930 8.39 5.91 -27.37
C LYS A 930 9.09 4.73 -28.03
N ALA A 931 8.53 4.21 -29.13
CA ALA A 931 9.12 3.07 -29.80
C ALA A 931 10.48 3.40 -30.40
N HIS A 932 10.56 4.53 -31.11
CA HIS A 932 11.83 4.95 -31.69
C HIS A 932 12.88 5.16 -30.61
N VAL A 933 12.50 5.76 -29.49
CA VAL A 933 13.44 5.99 -28.40
C VAL A 933 13.87 4.67 -27.79
N PHE A 934 12.90 3.84 -27.38
CA PHE A 934 13.22 2.57 -26.74
C PHE A 934 14.11 1.70 -27.63
N GLY A 935 13.84 1.68 -28.93
CA GLY A 935 14.68 0.88 -29.83
C GLY A 935 16.08 1.43 -29.96
N ILE A 936 16.21 2.75 -30.06
CA ILE A 936 17.53 3.37 -30.21
C ILE A 936 18.38 3.10 -28.98
N THR A 937 17.83 3.33 -27.79
CA THR A 937 18.60 3.14 -26.57
C THR A 937 19.02 1.67 -26.40
N PHE A 938 18.08 0.75 -26.61
CA PHE A 938 18.41 -0.66 -26.44
C PHE A 938 19.44 -1.10 -27.47
N SER A 939 19.21 -0.75 -28.74
CA SER A 939 20.18 -1.09 -29.78
C SER A 939 21.54 -0.46 -29.50
N PHE A 940 21.57 0.73 -28.89
CA PHE A 940 22.83 1.38 -28.58
C PHE A 940 23.58 0.63 -27.49
N THR A 941 22.88 0.24 -26.42
CA THR A 941 23.54 -0.47 -25.32
C THR A 941 23.96 -1.87 -25.74
N GLN A 942 23.25 -2.49 -26.67
CA GLN A 942 23.71 -3.78 -27.20
C GLN A 942 24.94 -3.57 -28.09
N ALA A 943 24.86 -2.62 -29.03
CA ALA A 943 25.99 -2.36 -29.91
C ALA A 943 27.19 -1.87 -29.12
N MET A 944 26.97 -1.07 -28.08
CA MET A 944 28.07 -0.63 -27.23
C MET A 944 28.74 -1.79 -26.50
N MET A 945 28.02 -2.90 -26.28
CA MET A 945 28.63 -4.08 -25.69
C MET A 945 29.37 -4.94 -26.72
N TYR A 946 28.85 -5.00 -27.95
CA TYR A 946 29.49 -5.81 -28.98
C TYR A 946 30.71 -5.12 -29.56
N PHE A 947 30.59 -3.82 -29.88
CA PHE A 947 31.76 -3.07 -30.35
C PHE A 947 32.85 -3.04 -29.29
N SER A 948 32.46 -2.92 -28.01
CA SER A 948 33.43 -2.99 -26.92
C SER A 948 34.20 -4.30 -26.93
N TYR A 949 33.58 -5.37 -27.42
CA TYR A 949 34.24 -6.65 -27.46
C TYR A 949 35.22 -6.74 -28.63
N ALA A 950 34.91 -6.09 -29.75
CA ALA A 950 35.82 -6.08 -30.89
C ALA A 950 37.11 -5.35 -30.54
N ALA A 951 36.99 -4.18 -29.90
CA ALA A 951 38.19 -3.45 -29.46
C ALA A 951 38.96 -4.21 -28.40
N ALA A 952 38.32 -5.17 -27.72
CA ALA A 952 39.02 -5.93 -26.69
C ALA A 952 39.99 -6.92 -27.29
N PHE A 953 39.69 -7.46 -28.47
CA PHE A 953 40.55 -8.44 -29.13
C PHE A 953 41.44 -7.85 -30.20
N ARG A 954 40.89 -6.97 -31.06
CA ARG A 954 41.71 -6.31 -32.06
C ARG A 954 42.87 -5.56 -31.40
N PHE A 955 42.64 -4.99 -30.21
CA PHE A 955 43.75 -4.46 -29.44
C PHE A 955 44.51 -5.55 -28.71
N GLY A 956 43.81 -6.61 -28.26
CA GLY A 956 44.48 -7.74 -27.65
C GLY A 956 45.31 -8.54 -28.62
N ALA A 957 45.03 -8.44 -29.92
CA ALA A 957 45.92 -8.91 -30.96
C ALA A 957 46.57 -7.67 -31.61
N TYR A 958 47.12 -7.84 -32.82
CA TYR A 958 47.72 -6.73 -33.55
C TYR A 958 48.78 -6.05 -32.71
N LEU A 959 48.54 -4.78 -32.33
CA LEU A 959 49.55 -3.99 -31.65
C LEU A 959 50.07 -4.68 -30.39
N VAL A 960 49.25 -5.49 -29.73
CA VAL A 960 49.65 -6.10 -28.45
C VAL A 960 50.29 -7.46 -28.64
N THR A 961 49.78 -8.27 -29.57
CA THR A 961 50.36 -9.59 -29.82
C THR A 961 51.43 -9.57 -30.91
N GLN A 962 51.49 -8.51 -31.72
CA GLN A 962 52.66 -8.31 -32.56
C GLN A 962 53.87 -7.92 -31.72
N GLN A 963 53.63 -7.45 -30.49
CA GLN A 963 54.72 -7.07 -29.59
C GLN A 963 55.12 -8.26 -28.74
N LEU A 964 55.00 -8.14 -27.42
CA LEU A 964 55.35 -9.21 -26.49
C LEU A 964 54.29 -9.41 -25.42
N MET A 965 53.02 -9.14 -25.74
CA MET A 965 51.94 -9.21 -24.76
C MET A 965 51.13 -10.48 -25.01
N THR A 966 50.96 -11.30 -23.97
CA THR A 966 50.34 -12.61 -24.11
C THR A 966 48.81 -12.50 -24.09
N PHE A 967 48.17 -13.58 -24.56
CA PHE A 967 46.71 -13.67 -24.55
C PHE A 967 46.17 -14.06 -23.18
N GLU A 968 46.91 -14.88 -22.44
CA GLU A 968 46.46 -15.35 -21.14
C GLU A 968 46.11 -14.19 -20.22
N ASN A 969 46.77 -13.04 -20.37
CA ASN A 969 46.49 -11.88 -19.54
C ASN A 969 45.22 -11.16 -19.99
N VAL A 970 45.03 -11.03 -21.31
CA VAL A 970 43.82 -10.39 -21.82
C VAL A 970 42.59 -11.11 -21.33
N LEU A 971 42.64 -12.44 -21.29
CA LEU A 971 41.54 -13.21 -20.71
C LEU A 971 41.39 -12.90 -19.23
N LEU A 972 42.50 -12.82 -18.50
CA LEU A 972 42.44 -12.47 -17.09
C LEU A 972 41.81 -11.11 -16.87
N VAL A 973 42.32 -10.09 -17.57
CA VAL A 973 41.80 -8.74 -17.43
C VAL A 973 40.31 -8.69 -17.77
N PHE A 974 39.87 -9.50 -18.73
CA PHE A 974 38.44 -9.60 -19.04
C PHE A 974 37.65 -10.00 -17.80
N SER A 975 37.82 -11.25 -17.38
CA SER A 975 37.06 -11.77 -16.25
C SER A 975 37.25 -10.92 -15.00
N ALA A 976 38.48 -10.48 -14.73
CA ALA A 976 38.74 -9.68 -13.54
C ALA A 976 37.97 -8.37 -13.56
N ILE A 977 38.16 -7.57 -14.62
CA ILE A 977 37.52 -6.26 -14.69
C ILE A 977 36.00 -6.40 -14.79
N VAL A 978 35.54 -7.25 -15.71
CA VAL A 978 34.11 -7.37 -15.96
C VAL A 978 33.38 -7.91 -14.73
N PHE A 979 34.02 -8.80 -13.97
CA PHE A 979 33.37 -9.31 -12.76
C PHE A 979 33.44 -8.30 -11.62
N GLY A 980 34.60 -7.67 -11.44
CA GLY A 980 34.72 -6.62 -10.43
C GLY A 980 33.76 -5.47 -10.66
N ALA A 981 33.42 -5.19 -11.93
CA ALA A 981 32.43 -4.17 -12.21
C ALA A 981 31.03 -4.66 -11.87
N MET A 982 30.68 -5.87 -12.29
CA MET A 982 29.38 -6.44 -11.96
C MET A 982 29.20 -6.68 -10.47
N ALA A 983 30.29 -6.75 -9.70
CA ALA A 983 30.18 -6.78 -8.25
C ALA A 983 29.88 -5.40 -7.68
N VAL A 984 30.34 -4.35 -8.34
CA VAL A 984 29.96 -2.99 -7.96
C VAL A 984 28.49 -2.73 -8.25
N GLY A 985 27.91 -3.44 -9.24
CA GLY A 985 26.48 -3.32 -9.51
C GLY A 985 25.60 -3.62 -8.30
N GLN A 986 26.14 -4.33 -7.30
CA GLN A 986 25.40 -4.57 -6.07
C GLN A 986 25.36 -3.34 -5.17
N VAL A 987 26.27 -2.38 -5.37
CA VAL A 987 26.25 -1.16 -4.56
C VAL A 987 24.99 -0.34 -4.87
N SER A 988 24.63 -0.23 -6.14
CA SER A 988 23.44 0.54 -6.52
C SER A 988 22.15 -0.17 -6.10
N SER A 989 22.21 -1.47 -5.80
CA SER A 989 21.03 -2.22 -5.39
C SER A 989 20.74 -2.09 -3.90
N PHE A 990 21.79 -2.03 -3.07
CA PHE A 990 21.64 -1.86 -1.63
C PHE A 990 21.54 -0.40 -1.22
N ALA A 991 21.50 0.53 -2.18
CA ALA A 991 21.38 1.94 -1.85
C ALA A 991 20.09 2.29 -1.11
N PRO A 992 18.90 1.80 -1.49
CA PRO A 992 17.71 2.14 -0.71
C PRO A 992 17.69 1.51 0.68
N ASP A 993 18.39 0.39 0.88
CA ASP A 993 18.48 -0.18 2.22
C ASP A 993 19.18 0.76 3.19
N TYR A 994 20.05 1.65 2.67
CA TYR A 994 20.71 2.63 3.50
C TYR A 994 19.80 3.81 3.81
N ALA A 995 19.07 4.30 2.81
CA ALA A 995 18.18 5.45 3.02
C ALA A 995 16.98 5.06 3.87
N LYS A 996 16.35 3.92 3.56
CA LYS A 996 15.21 3.44 4.35
C LYS A 996 15.59 3.19 5.81
N ALA A 997 16.89 3.00 6.09
CA ALA A 997 17.36 2.82 7.45
C ALA A 997 17.66 4.15 8.14
N THR A 998 18.28 5.10 7.43
CA THR A 998 18.58 6.40 8.02
C THR A 998 17.31 7.14 8.41
N VAL A 999 16.27 7.02 7.58
CA VAL A 999 14.97 7.61 7.94
C VAL A 999 14.39 6.91 9.15
N SER A 1000 14.46 5.57 9.18
CA SER A 1000 14.06 4.83 10.38
C SER A 1000 15.01 5.09 11.54
N ALA A 1001 16.26 5.48 11.27
CA ALA A 1001 17.16 5.90 12.34
C ALA A 1001 16.86 7.32 12.78
N SER A 1002 16.48 8.19 11.84
CA SER A 1002 16.15 9.57 12.16
C SER A 1002 15.14 9.65 13.30
N HIS A 1003 14.04 8.89 13.18
CA HIS A 1003 13.03 8.88 14.23
C HIS A 1003 13.57 8.24 15.51
N ILE A 1004 14.35 7.17 15.36
CA ILE A 1004 14.72 6.36 16.52
C ILE A 1004 15.75 7.04 17.40
N ILE A 1005 16.51 8.00 16.87
CA ILE A 1005 17.43 8.75 17.71
C ILE A 1005 16.69 9.85 18.46
N ARG A 1006 15.62 10.40 17.87
CA ARG A 1006 14.84 11.43 18.56
C ARG A 1006 13.92 10.82 19.61
N ILE A 1007 13.36 9.64 19.34
CA ILE A 1007 12.44 9.02 20.28
C ILE A 1007 13.12 8.66 21.58
N ILE A 1008 14.45 8.47 21.57
CA ILE A 1008 15.17 8.24 22.80
C ILE A 1008 15.46 9.56 23.50
N GLU A 1009 15.89 10.57 22.76
CA GLU A 1009 16.35 11.82 23.35
C GLU A 1009 15.22 12.70 23.86
N LYS A 1010 13.98 12.46 23.45
CA LYS A 1010 12.88 13.30 23.90
C LYS A 1010 12.63 13.07 25.39
N THR A 1011 12.62 14.16 26.16
CA THR A 1011 12.42 14.13 27.60
C THR A 1011 11.07 14.75 27.97
N PRO A 1012 10.41 14.24 29.01
CA PRO A 1012 9.06 14.72 29.33
C PRO A 1012 9.07 15.86 30.34
N GLU A 1013 7.88 16.41 30.62
CA GLU A 1013 7.75 17.40 31.69
C GLU A 1013 7.66 16.72 33.04
N ILE A 1014 6.93 15.62 33.13
CA ILE A 1014 6.81 14.82 34.34
C ILE A 1014 7.48 13.48 34.07
N ASP A 1015 8.73 13.32 34.52
CA ASP A 1015 9.47 12.09 34.31
C ASP A 1015 9.40 11.23 35.57
N SER A 1016 8.83 10.03 35.44
CA SER A 1016 8.76 9.13 36.57
C SER A 1016 10.13 8.58 36.97
N TYR A 1017 11.13 8.67 36.08
CA TYR A 1017 12.44 8.12 36.37
C TYR A 1017 13.26 9.00 37.31
N SER A 1018 12.93 10.28 37.43
CA SER A 1018 13.71 11.19 38.25
C SER A 1018 13.63 10.77 39.71
N THR A 1019 14.79 10.49 40.32
CA THR A 1019 14.83 10.11 41.72
C THR A 1019 14.61 11.29 42.65
N GLN A 1020 14.61 12.52 42.12
CA GLN A 1020 14.39 13.70 42.94
C GLN A 1020 12.92 13.76 43.39
N GLY A 1021 12.68 14.50 44.46
CA GLY A 1021 11.40 14.51 45.11
C GLY A 1021 11.57 14.27 46.59
N LEU A 1022 10.49 14.55 47.33
CA LEU A 1022 10.58 14.67 48.78
C LEU A 1022 10.43 13.35 49.53
N LYS A 1023 9.43 12.53 49.16
CA LYS A 1023 9.10 11.30 49.88
C LYS A 1023 8.84 11.60 51.37
N PRO A 1024 7.70 12.19 51.71
CA PRO A 1024 7.44 12.50 53.12
C PRO A 1024 7.31 11.26 53.99
N ASN A 1025 7.49 11.47 55.28
CA ASN A 1025 7.40 10.39 56.27
C ASN A 1025 6.03 10.29 56.92
N MET A 1026 5.25 11.37 56.93
CA MET A 1026 3.97 11.37 57.64
C MET A 1026 2.90 10.71 56.78
N LEU A 1027 2.14 9.80 57.41
CA LEU A 1027 1.25 8.90 56.68
C LEU A 1027 -0.03 9.59 56.25
N GLU A 1028 -0.72 10.25 57.19
CA GLU A 1028 -2.08 10.70 56.96
C GLU A 1028 -2.17 11.58 55.72
N GLY A 1029 -3.23 11.39 54.94
CA GLY A 1029 -3.34 12.10 53.69
C GLY A 1029 -4.52 13.04 53.60
N ASN A 1030 -4.25 14.28 53.21
CA ASN A 1030 -5.26 15.23 52.77
C ASN A 1030 -5.16 15.40 51.27
N VAL A 1031 -6.09 16.14 50.70
CA VAL A 1031 -6.02 16.57 49.31
C VAL A 1031 -6.55 17.99 49.22
N GLN A 1032 -5.77 18.89 48.64
CA GLN A 1032 -6.16 20.28 48.44
C GLN A 1032 -6.08 20.60 46.95
N PHE A 1033 -7.23 20.82 46.33
CA PHE A 1033 -7.29 21.44 45.02
C PHE A 1033 -7.57 22.93 45.21
N SER A 1034 -6.76 23.78 44.61
CA SER A 1034 -6.86 25.21 44.84
C SER A 1034 -6.66 25.96 43.53
N GLY A 1035 -7.72 26.60 43.06
CA GLY A 1035 -7.60 27.50 41.91
C GLY A 1035 -7.09 26.81 40.66
N VAL A 1036 -7.50 25.58 40.43
CA VAL A 1036 -6.95 24.78 39.35
C VAL A 1036 -7.65 25.13 38.03
N VAL A 1037 -6.88 25.63 37.08
CA VAL A 1037 -7.33 25.80 35.69
C VAL A 1037 -6.57 24.78 34.85
N PHE A 1038 -7.32 23.94 34.14
CA PHE A 1038 -6.69 22.88 33.37
C PHE A 1038 -7.35 22.75 32.00
N ASN A 1039 -6.53 22.77 30.95
CA ASN A 1039 -6.94 22.40 29.61
C ASN A 1039 -6.09 21.23 29.15
N TYR A 1040 -6.70 20.32 28.40
CA TYR A 1040 -5.95 19.16 27.91
C TYR A 1040 -5.00 19.59 26.79
N PRO A 1041 -3.76 19.10 26.81
CA PRO A 1041 -2.80 19.51 25.77
C PRO A 1041 -3.21 19.14 24.36
N THR A 1042 -4.02 18.09 24.19
CA THR A 1042 -4.48 17.73 22.85
C THR A 1042 -5.56 18.68 22.35
N ARG A 1043 -6.49 19.07 23.22
CA ARG A 1043 -7.59 19.96 22.87
C ARG A 1043 -7.56 21.19 23.78
N PRO A 1044 -6.66 22.14 23.51
CA PRO A 1044 -6.63 23.37 24.31
C PRO A 1044 -7.66 24.38 23.83
N SER A 1045 -8.81 23.88 23.41
CA SER A 1045 -9.91 24.73 22.95
C SER A 1045 -10.94 24.90 24.05
N ILE A 1046 -11.75 23.87 24.29
CA ILE A 1046 -12.74 23.89 25.36
C ILE A 1046 -12.04 23.52 26.67
N PRO A 1047 -12.02 24.40 27.66
CA PRO A 1047 -11.42 24.06 28.94
C PRO A 1047 -12.33 23.20 29.79
N VAL A 1048 -11.73 22.30 30.55
CA VAL A 1048 -12.47 21.38 31.40
C VAL A 1048 -12.51 21.88 32.84
N LEU A 1049 -11.37 22.30 33.38
CA LEU A 1049 -11.27 22.79 34.75
C LEU A 1049 -10.90 24.27 34.71
N GLN A 1050 -11.73 25.11 35.33
CA GLN A 1050 -11.50 26.55 35.43
C GLN A 1050 -11.69 26.95 36.88
N GLY A 1051 -10.58 27.13 37.60
CA GLY A 1051 -10.63 27.54 38.99
C GLY A 1051 -11.36 26.55 39.88
N LEU A 1052 -10.91 25.30 39.88
CA LEU A 1052 -11.51 24.26 40.71
C LEU A 1052 -10.85 24.23 42.08
N SER A 1053 -11.67 24.02 43.11
CA SER A 1053 -11.19 24.05 44.50
C SER A 1053 -11.93 23.00 45.32
N LEU A 1054 -11.21 21.96 45.76
CA LEU A 1054 -11.72 20.97 46.69
C LEU A 1054 -10.76 20.83 47.86
N GLU A 1055 -11.28 20.26 48.95
CA GLU A 1055 -10.44 19.77 50.03
C GLU A 1055 -11.18 18.60 50.68
N VAL A 1056 -10.45 17.53 50.95
CA VAL A 1056 -10.98 16.34 51.60
C VAL A 1056 -10.02 15.92 52.70
N LYS A 1057 -10.53 15.77 53.91
CA LYS A 1057 -9.72 15.34 55.05
C LYS A 1057 -9.44 13.85 54.94
N LYS A 1058 -8.62 13.34 55.86
CA LYS A 1058 -8.28 11.94 55.85
C LYS A 1058 -9.47 11.09 56.30
N GLY A 1059 -9.54 9.87 55.78
CA GLY A 1059 -10.53 8.90 56.23
C GLY A 1059 -11.96 9.23 55.90
N GLN A 1060 -12.23 10.22 55.05
CA GLN A 1060 -13.59 10.55 54.66
C GLN A 1060 -13.70 10.54 53.15
N THR A 1061 -14.93 10.36 52.68
CA THR A 1061 -15.22 10.17 51.27
C THR A 1061 -15.65 11.48 50.63
N LEU A 1062 -14.96 11.86 49.56
CA LEU A 1062 -15.29 13.06 48.79
C LEU A 1062 -16.06 12.63 47.54
N ALA A 1063 -17.37 12.88 47.55
CA ALA A 1063 -18.19 12.59 46.39
C ALA A 1063 -18.08 13.72 45.37
N LEU A 1064 -18.07 13.34 44.09
CA LEU A 1064 -17.79 14.27 43.00
C LEU A 1064 -18.85 14.08 41.91
N VAL A 1065 -19.79 15.03 41.84
CA VAL A 1065 -20.86 15.02 40.84
C VAL A 1065 -20.57 16.09 39.81
N GLY A 1066 -20.92 15.81 38.56
CA GLY A 1066 -20.68 16.75 37.48
C GLY A 1066 -21.77 16.66 36.44
N SER A 1067 -22.04 17.79 35.79
CA SER A 1067 -23.01 17.81 34.70
C SER A 1067 -22.62 16.82 33.61
N SER A 1068 -21.34 16.79 33.24
CA SER A 1068 -20.82 15.82 32.28
C SER A 1068 -19.31 15.95 32.17
N GLY A 1069 -18.71 15.17 31.28
CA GLY A 1069 -17.31 15.36 30.93
C GLY A 1069 -16.35 14.87 32.00
N CYS A 1070 -15.07 14.99 31.67
CA CYS A 1070 -13.99 14.60 32.57
C CYS A 1070 -13.75 15.61 33.68
N GLY A 1071 -14.59 16.67 33.79
CA GLY A 1071 -14.50 17.56 34.94
C GLY A 1071 -14.56 16.80 36.24
N LYS A 1072 -15.33 15.71 36.27
CA LYS A 1072 -15.28 14.80 37.42
C LYS A 1072 -14.00 13.98 37.40
N SER A 1073 -13.57 13.53 36.22
CA SER A 1073 -12.46 12.59 36.13
C SER A 1073 -11.10 13.28 36.17
N THR A 1074 -11.02 14.53 35.71
CA THR A 1074 -9.72 15.21 35.66
C THR A 1074 -9.12 15.37 37.05
N VAL A 1075 -9.95 15.40 38.09
CA VAL A 1075 -9.43 15.45 39.45
C VAL A 1075 -8.52 14.26 39.71
N VAL A 1076 -8.97 13.06 39.34
CA VAL A 1076 -8.20 11.85 39.63
C VAL A 1076 -6.91 11.84 38.83
N GLN A 1077 -6.93 12.37 37.61
CA GLN A 1077 -5.72 12.36 36.78
C GLN A 1077 -4.69 13.35 37.32
N LEU A 1078 -5.13 14.48 37.86
CA LEU A 1078 -4.19 15.45 38.40
C LEU A 1078 -3.63 15.03 39.75
N LEU A 1079 -4.41 14.29 40.56
CA LEU A 1079 -3.87 13.77 41.81
C LEU A 1079 -2.83 12.69 41.57
N GLU A 1080 -3.06 11.83 40.57
CA GLU A 1080 -2.01 10.95 40.07
C GLU A 1080 -0.91 11.72 39.36
N ARG A 1081 -1.09 13.03 39.19
CA ARG A 1081 -0.13 13.89 38.48
C ARG A 1081 0.21 13.32 37.10
N PHE A 1082 -0.82 12.87 36.37
CA PHE A 1082 -0.66 12.67 34.94
C PHE A 1082 -0.34 13.98 34.23
N TYR A 1083 -0.73 15.10 34.83
CA TYR A 1083 -0.46 16.42 34.28
C TYR A 1083 -0.25 17.41 35.42
N ASP A 1084 0.55 18.44 35.14
CA ASP A 1084 0.50 19.57 36.06
C ASP A 1084 -0.52 20.58 35.57
N PRO A 1085 -1.25 21.24 36.48
CA PRO A 1085 -2.26 22.21 36.04
C PRO A 1085 -1.64 23.43 35.39
N MET A 1086 -2.38 24.03 34.46
CA MET A 1086 -1.92 25.26 33.82
C MET A 1086 -1.70 26.36 34.85
N ALA A 1087 -2.75 26.69 35.60
CA ALA A 1087 -2.65 27.63 36.70
C ALA A 1087 -3.22 27.00 37.96
N GLY A 1088 -2.80 27.52 39.10
CA GLY A 1088 -3.19 26.94 40.38
C GLY A 1088 -2.26 25.83 40.81
N SER A 1089 -2.69 25.10 41.84
CA SER A 1089 -1.89 24.02 42.36
C SER A 1089 -2.78 23.04 43.12
N VAL A 1090 -2.25 21.85 43.35
CA VAL A 1090 -2.91 20.80 44.10
C VAL A 1090 -1.94 20.23 45.11
N PHE A 1091 -2.38 20.11 46.37
CA PHE A 1091 -1.58 19.62 47.47
C PHE A 1091 -2.17 18.32 48.00
N LEU A 1092 -1.33 17.55 48.70
CA LEU A 1092 -1.86 16.40 49.45
C LEU A 1092 -1.73 16.66 50.94
N ASP A 1093 -0.56 16.40 51.52
CA ASP A 1093 -0.29 16.63 52.93
C ASP A 1093 -0.04 18.10 53.24
N GLY A 1094 -0.45 19.00 52.35
CA GLY A 1094 -0.02 20.37 52.39
C GLY A 1094 1.16 20.66 51.48
N LYS A 1095 1.87 19.62 51.05
CA LYS A 1095 2.94 19.77 50.08
C LYS A 1095 2.37 19.78 48.67
N GLU A 1096 2.84 20.70 47.84
CA GLU A 1096 2.45 20.70 46.44
C GLU A 1096 3.04 19.48 45.74
N ILE A 1097 2.18 18.70 45.09
CA ILE A 1097 2.63 17.52 44.39
C ILE A 1097 3.62 17.86 43.28
N LYS A 1098 3.58 19.10 42.77
CA LYS A 1098 4.47 19.51 41.69
C LYS A 1098 5.93 19.48 42.14
N GLN A 1099 6.19 19.75 43.42
CA GLN A 1099 7.53 19.63 43.97
C GLN A 1099 7.76 18.29 44.67
N LEU A 1100 6.69 17.51 44.88
CA LEU A 1100 6.80 16.19 45.48
C LEU A 1100 7.42 15.21 44.49
N ASN A 1101 7.81 14.03 45.00
CA ASN A 1101 8.29 12.98 44.12
C ASN A 1101 7.13 12.38 43.35
N VAL A 1102 7.32 12.23 42.03
CA VAL A 1102 6.22 11.77 41.18
C VAL A 1102 5.88 10.32 41.50
N GLN A 1103 6.88 9.45 41.57
CA GLN A 1103 6.61 8.03 41.81
C GLN A 1103 6.04 7.81 43.20
N TRP A 1104 6.65 8.42 44.22
CA TRP A 1104 6.16 8.26 45.59
C TRP A 1104 4.73 8.75 45.72
N LEU A 1105 4.39 9.83 45.03
CA LEU A 1105 3.03 10.35 45.08
C LEU A 1105 2.02 9.29 44.63
N ARG A 1106 2.23 8.74 43.44
CA ARG A 1106 1.34 7.71 42.92
C ARG A 1106 1.39 6.43 43.74
N ALA A 1107 2.43 6.25 44.56
CA ALA A 1107 2.55 5.04 45.36
C ALA A 1107 1.55 5.01 46.52
N GLN A 1108 0.95 6.16 46.86
CA GLN A 1108 -0.05 6.21 47.92
C GLN A 1108 -1.47 6.23 47.39
N LEU A 1109 -1.66 6.01 46.09
CA LEU A 1109 -2.96 6.13 45.45
C LEU A 1109 -3.51 4.77 45.06
N GLY A 1110 -4.78 4.54 45.35
CA GLY A 1110 -5.44 3.30 44.97
C GLY A 1110 -6.41 3.51 43.82
N ILE A 1111 -5.87 3.64 42.60
CA ILE A 1111 -6.67 3.97 41.44
C ILE A 1111 -7.48 2.75 41.00
N VAL A 1112 -8.75 2.97 40.69
CA VAL A 1112 -9.65 1.97 40.13
C VAL A 1112 -10.50 2.64 39.08
N SER A 1113 -10.43 2.15 37.85
CA SER A 1113 -11.02 2.81 36.69
C SER A 1113 -12.26 2.04 36.21
N GLN A 1114 -12.87 2.56 35.14
CA GLN A 1114 -14.06 1.98 34.54
C GLN A 1114 -13.81 0.57 34.06
N GLU A 1115 -12.96 0.43 33.05
CA GLU A 1115 -12.65 -0.85 32.43
C GLU A 1115 -11.30 -1.33 32.93
N PRO A 1116 -11.25 -2.18 33.96
CA PRO A 1116 -9.95 -2.61 34.49
C PRO A 1116 -9.23 -3.51 33.50
N ILE A 1117 -8.04 -3.07 33.07
CA ILE A 1117 -7.21 -3.85 32.17
C ILE A 1117 -6.27 -4.72 32.98
N LEU A 1118 -6.28 -6.02 32.70
CA LEU A 1118 -5.46 -6.99 33.42
C LEU A 1118 -4.53 -7.66 32.43
N PHE A 1119 -3.22 -7.57 32.68
CA PHE A 1119 -2.25 -8.19 31.81
C PHE A 1119 -2.36 -9.71 31.89
N ASP A 1120 -1.81 -10.40 30.89
CA ASP A 1120 -1.91 -11.86 30.83
C ASP A 1120 -0.84 -12.45 31.76
N CYS A 1121 -1.28 -12.87 32.94
CA CYS A 1121 -0.46 -13.58 33.92
C CYS A 1121 -1.38 -14.04 35.04
N SER A 1122 -0.79 -14.61 36.08
CA SER A 1122 -1.56 -15.10 37.21
C SER A 1122 -2.34 -13.95 37.85
N ILE A 1123 -3.59 -14.23 38.26
CA ILE A 1123 -4.38 -13.21 38.94
C ILE A 1123 -3.68 -12.76 40.21
N ALA A 1124 -2.89 -13.66 40.82
CA ALA A 1124 -2.05 -13.25 41.95
C ALA A 1124 -1.08 -12.17 41.53
N GLU A 1125 -0.57 -12.23 40.30
CA GLU A 1125 0.34 -11.20 39.81
C GLU A 1125 -0.42 -9.92 39.46
N ASN A 1126 -1.59 -10.05 38.84
CA ASN A 1126 -2.44 -8.88 38.62
C ASN A 1126 -2.79 -8.21 39.93
N ILE A 1127 -2.94 -8.99 41.01
CA ILE A 1127 -3.15 -8.42 42.34
C ILE A 1127 -1.84 -7.90 42.92
N ALA A 1128 -0.78 -8.69 42.84
CA ALA A 1128 0.53 -8.25 43.33
C ALA A 1128 1.09 -7.09 42.52
N TYR A 1129 0.50 -6.79 41.37
CA TYR A 1129 0.90 -5.61 40.60
C TYR A 1129 0.62 -4.32 41.36
N GLY A 1130 -0.23 -4.39 42.40
CA GLY A 1130 -0.55 -3.21 43.19
C GLY A 1130 0.60 -2.69 44.03
N ASP A 1131 1.59 -3.53 44.32
CA ASP A 1131 2.77 -3.11 45.07
C ASP A 1131 4.00 -3.67 44.37
N ASN A 1132 4.80 -2.77 43.79
CA ASN A 1132 6.05 -3.15 43.18
C ASN A 1132 7.20 -2.76 44.11
N SER A 1133 8.43 -2.95 43.64
CA SER A 1133 9.66 -2.74 44.41
C SER A 1133 9.78 -3.80 45.50
N ARG A 1134 8.78 -4.66 45.64
CA ARG A 1134 8.78 -5.72 46.63
C ARG A 1134 7.84 -6.82 46.18
N VAL A 1135 8.24 -8.07 46.43
CA VAL A 1135 7.37 -9.20 46.14
C VAL A 1135 6.31 -9.29 47.23
N VAL A 1136 5.05 -9.37 46.83
CA VAL A 1136 3.93 -9.37 47.76
C VAL A 1136 3.65 -10.80 48.20
N SER A 1137 3.37 -10.96 49.50
CA SER A 1137 3.13 -12.29 50.05
C SER A 1137 1.84 -12.88 49.47
N TYR A 1138 1.78 -14.22 49.45
CA TYR A 1138 0.57 -14.89 49.00
C TYR A 1138 -0.59 -14.61 49.96
N GLU A 1139 -0.34 -14.72 51.27
CA GLU A 1139 -1.36 -14.34 52.23
C GLU A 1139 -1.71 -12.87 52.12
N GLU A 1140 -0.77 -12.05 51.65
CA GLU A 1140 -1.05 -10.63 51.45
C GLU A 1140 -1.97 -10.41 50.25
N ILE A 1141 -1.67 -11.08 49.13
CA ILE A 1141 -2.55 -11.00 47.97
C ILE A 1141 -3.82 -11.80 48.19
N VAL A 1142 -3.80 -12.78 49.08
CA VAL A 1142 -5.04 -13.41 49.53
C VAL A 1142 -5.89 -12.40 50.29
N ARG A 1143 -5.28 -11.67 51.21
CA ARG A 1143 -5.99 -10.67 52.00
C ARG A 1143 -6.73 -9.68 51.12
N ALA A 1144 -6.12 -9.27 50.01
CA ALA A 1144 -6.77 -8.32 49.12
C ALA A 1144 -7.90 -9.00 48.34
N ALA A 1145 -7.68 -10.24 47.91
CA ALA A 1145 -8.74 -10.97 47.22
C ALA A 1145 -9.89 -11.30 48.17
N LYS A 1146 -9.58 -11.58 49.44
CA LYS A 1146 -10.61 -11.67 50.46
C LYS A 1146 -11.33 -10.33 50.61
N GLU A 1147 -10.56 -9.24 50.61
CA GLU A 1147 -11.15 -7.91 50.79
C GLU A 1147 -12.06 -7.56 49.62
N ALA A 1148 -11.65 -7.91 48.41
CA ALA A 1148 -12.39 -7.53 47.20
C ALA A 1148 -13.62 -8.39 46.94
N ASN A 1149 -13.87 -9.40 47.78
CA ASN A 1149 -14.98 -10.34 47.60
C ASN A 1149 -14.85 -11.13 46.29
N ILE A 1150 -13.64 -11.24 45.76
CA ILE A 1150 -13.40 -12.04 44.56
C ILE A 1150 -13.03 -13.48 44.91
N HIS A 1151 -12.86 -13.79 46.20
CA HIS A 1151 -12.36 -15.09 46.62
C HIS A 1151 -13.28 -16.25 46.22
N GLN A 1152 -14.55 -15.97 45.95
CA GLN A 1152 -15.45 -17.02 45.48
C GLN A 1152 -14.97 -17.60 44.16
N PHE A 1153 -14.47 -16.75 43.26
CA PHE A 1153 -13.90 -17.23 42.01
C PHE A 1153 -12.54 -17.85 42.24
N ILE A 1154 -11.68 -17.16 43.00
CA ILE A 1154 -10.28 -17.57 43.12
C ILE A 1154 -10.15 -18.96 43.73
N ASP A 1155 -11.14 -19.41 44.50
CA ASP A 1155 -11.12 -20.78 44.98
C ASP A 1155 -11.91 -21.72 44.09
N SER A 1156 -12.89 -21.20 43.34
CA SER A 1156 -13.70 -22.05 42.47
C SER A 1156 -12.90 -22.56 41.28
N LEU A 1157 -11.87 -21.83 40.88
CA LEU A 1157 -11.10 -22.21 39.71
C LEU A 1157 -10.29 -23.48 39.99
N PRO A 1158 -9.97 -24.25 38.94
CA PRO A 1158 -9.08 -25.40 39.16
C PRO A 1158 -7.67 -24.99 39.57
N ASP A 1159 -7.11 -23.97 38.92
CA ASP A 1159 -5.75 -23.52 39.23
C ASP A 1159 -5.71 -22.57 40.42
N LYS A 1160 -6.85 -21.98 40.76
CA LYS A 1160 -7.00 -21.07 41.90
C LYS A 1160 -6.18 -19.82 41.58
N TYR A 1161 -5.34 -19.31 42.51
CA TYR A 1161 -4.58 -18.06 42.32
C TYR A 1161 -3.60 -18.09 41.15
N ASN A 1162 -3.32 -19.25 40.57
CA ASN A 1162 -2.37 -19.39 39.47
C ASN A 1162 -3.08 -19.46 38.11
N THR A 1163 -4.38 -19.21 38.07
CA THR A 1163 -5.07 -19.21 36.79
C THR A 1163 -4.66 -17.97 35.97
N ARG A 1164 -4.66 -18.14 34.65
CA ARG A 1164 -4.23 -17.09 33.73
C ARG A 1164 -5.43 -16.34 33.18
N VAL A 1165 -5.32 -15.01 33.15
CA VAL A 1165 -6.40 -14.13 32.73
C VAL A 1165 -5.83 -13.12 31.73
N GLY A 1166 -6.70 -12.65 30.83
CA GLY A 1166 -6.30 -11.65 29.85
C GLY A 1166 -6.82 -12.00 28.46
N ASP A 1167 -7.83 -12.86 28.41
CA ASP A 1167 -8.37 -13.39 27.17
C ASP A 1167 -7.30 -14.13 26.38
N LYS A 1168 -6.36 -14.76 27.08
CA LYS A 1168 -5.39 -15.68 26.50
C LYS A 1168 -5.48 -17.06 27.13
N GLY A 1169 -5.51 -17.14 28.46
CA GLY A 1169 -5.65 -18.41 29.15
C GLY A 1169 -7.06 -18.69 29.62
N THR A 1170 -7.75 -17.64 30.10
CA THR A 1170 -9.12 -17.78 30.58
C THR A 1170 -9.83 -16.46 30.35
N GLN A 1171 -11.16 -16.51 30.32
CA GLN A 1171 -12.01 -15.34 30.17
C GLN A 1171 -13.06 -15.33 31.27
N LEU A 1172 -13.31 -14.15 31.83
CA LEU A 1172 -14.33 -13.96 32.85
C LEU A 1172 -14.99 -12.59 32.64
N SER A 1173 -16.09 -12.36 33.35
CA SER A 1173 -16.88 -11.15 33.17
C SER A 1173 -16.24 -9.97 33.90
N GLY A 1174 -16.85 -8.80 33.74
CA GLY A 1174 -16.22 -7.58 34.23
C GLY A 1174 -16.30 -7.42 35.74
N GLY A 1175 -17.32 -7.99 36.37
CA GLY A 1175 -17.43 -7.89 37.81
C GLY A 1175 -16.26 -8.50 38.54
N GLN A 1176 -15.75 -9.63 38.03
CA GLN A 1176 -14.57 -10.25 38.61
C GLN A 1176 -13.31 -9.46 38.27
N LYS A 1177 -13.22 -8.98 37.03
CA LYS A 1177 -12.10 -8.11 36.64
C LYS A 1177 -11.99 -6.92 37.58
N GLN A 1178 -13.13 -6.29 37.90
CA GLN A 1178 -13.11 -5.13 38.78
C GLN A 1178 -12.65 -5.51 40.19
N ARG A 1179 -13.27 -6.54 40.77
CA ARG A 1179 -12.87 -6.98 42.10
C ARG A 1179 -11.37 -7.21 42.19
N ILE A 1180 -10.79 -7.85 41.17
CA ILE A 1180 -9.33 -8.04 41.15
C ILE A 1180 -8.61 -6.70 41.15
N ALA A 1181 -9.08 -5.75 40.33
CA ALA A 1181 -8.48 -4.42 40.34
C ALA A 1181 -8.65 -3.74 41.69
N ILE A 1182 -9.76 -4.00 42.37
CA ILE A 1182 -9.91 -3.51 43.74
C ILE A 1182 -8.88 -4.17 44.65
N ALA A 1183 -8.63 -5.46 44.45
CA ALA A 1183 -7.66 -6.18 45.27
C ALA A 1183 -6.27 -5.61 45.09
N ARG A 1184 -5.83 -5.46 43.84
CA ARG A 1184 -4.52 -4.87 43.60
C ARG A 1184 -4.46 -3.43 44.07
N ALA A 1185 -5.60 -2.74 44.05
CA ALA A 1185 -5.63 -1.38 44.57
C ALA A 1185 -5.26 -1.34 46.04
N LEU A 1186 -5.87 -2.20 46.85
CA LEU A 1186 -5.66 -2.19 48.29
C LEU A 1186 -4.60 -3.18 48.75
N VAL A 1187 -3.98 -3.95 47.83
CA VAL A 1187 -2.73 -4.63 48.16
C VAL A 1187 -1.67 -3.58 48.47
N ARG A 1188 -1.69 -2.48 47.72
CA ARG A 1188 -0.83 -1.33 47.97
C ARG A 1188 -1.02 -0.78 49.38
N GLN A 1189 -2.14 -1.07 50.01
CA GLN A 1189 -2.55 -0.45 51.27
C GLN A 1189 -2.46 1.09 51.16
N PRO A 1190 -3.18 1.68 50.21
CA PRO A 1190 -3.04 3.11 49.98
C PRO A 1190 -3.70 3.92 51.07
N HIS A 1191 -3.30 5.18 51.16
CA HIS A 1191 -4.01 6.14 51.98
C HIS A 1191 -5.07 6.90 51.19
N ILE A 1192 -5.14 6.68 49.88
CA ILE A 1192 -6.09 7.39 49.02
C ILE A 1192 -6.63 6.40 47.99
N LEU A 1193 -7.94 6.15 48.05
CA LEU A 1193 -8.62 5.45 46.97
C LEU A 1193 -9.08 6.45 45.93
N LEU A 1194 -9.23 5.98 44.69
CA LEU A 1194 -9.66 6.83 43.57
C LEU A 1194 -10.55 5.97 42.69
N LEU A 1195 -11.87 6.11 42.87
CA LEU A 1195 -12.86 5.31 42.16
C LEU A 1195 -13.47 6.15 41.04
N ASP A 1196 -13.14 5.81 39.80
CA ASP A 1196 -13.54 6.57 38.63
C ASP A 1196 -14.62 5.77 37.89
N GLU A 1197 -15.88 6.04 38.23
CA GLU A 1197 -17.03 5.38 37.60
C GLU A 1197 -16.85 3.86 37.59
N ALA A 1198 -16.61 3.32 38.78
CA ALA A 1198 -16.23 1.90 38.88
C ALA A 1198 -17.35 0.98 38.44
N THR A 1199 -18.61 1.39 38.60
CA THR A 1199 -19.76 0.59 38.19
C THR A 1199 -20.28 0.98 36.81
N SER A 1200 -19.47 1.64 36.00
CA SER A 1200 -19.86 2.08 34.66
C SER A 1200 -20.46 0.95 33.84
N ALA A 1201 -19.63 0.00 33.46
CA ALA A 1201 -20.06 -1.19 32.72
C ALA A 1201 -20.31 -2.29 33.73
N LEU A 1202 -21.56 -2.49 34.11
CA LEU A 1202 -21.96 -3.49 35.09
C LEU A 1202 -23.49 -3.56 35.06
N ASP A 1203 -24.04 -4.62 35.66
CA ASP A 1203 -25.47 -4.84 35.61
C ASP A 1203 -25.93 -5.63 36.83
N THR A 1204 -27.26 -5.68 36.99
CA THR A 1204 -27.99 -6.38 38.04
C THR A 1204 -27.21 -6.59 39.33
N GLU A 1205 -27.14 -7.85 39.79
CA GLU A 1205 -26.47 -8.15 41.06
C GLU A 1205 -24.98 -7.89 41.02
N SER A 1206 -24.37 -7.85 39.83
CA SER A 1206 -22.95 -7.57 39.73
C SER A 1206 -22.62 -6.18 40.26
N GLU A 1207 -23.49 -5.21 40.01
CA GLU A 1207 -23.33 -3.89 40.62
C GLU A 1207 -23.45 -3.97 42.13
N LYS A 1208 -24.43 -4.75 42.62
CA LYS A 1208 -24.70 -4.80 44.05
C LYS A 1208 -23.55 -5.43 44.83
N VAL A 1209 -22.80 -6.33 44.21
CA VAL A 1209 -21.69 -6.98 44.90
C VAL A 1209 -20.39 -6.19 44.77
N VAL A 1210 -20.16 -5.54 43.62
CA VAL A 1210 -18.96 -4.73 43.46
C VAL A 1210 -19.08 -3.44 44.29
N GLN A 1211 -20.25 -2.80 44.25
CA GLN A 1211 -20.49 -1.66 45.14
C GLN A 1211 -20.36 -2.08 46.59
N GLU A 1212 -20.81 -3.29 46.93
CA GLU A 1212 -20.64 -3.80 48.29
C GLU A 1212 -19.16 -3.98 48.62
N ALA A 1213 -18.33 -4.22 47.61
CA ALA A 1213 -16.89 -4.33 47.84
C ALA A 1213 -16.23 -2.97 47.93
N LEU A 1214 -16.63 -2.04 47.04
CA LEU A 1214 -16.08 -0.69 47.10
C LEU A 1214 -16.49 0.02 48.39
N ASP A 1215 -17.73 -0.17 48.82
CA ASP A 1215 -18.20 0.48 50.05
C ASP A 1215 -17.43 0.00 51.25
N LYS A 1216 -16.91 -1.23 51.22
CA LYS A 1216 -16.06 -1.72 52.29
C LYS A 1216 -14.61 -1.27 52.15
N ALA A 1217 -14.17 -0.96 50.93
CA ALA A 1217 -12.79 -0.53 50.73
C ALA A 1217 -12.54 0.89 51.24
N ARG A 1218 -13.53 1.77 51.11
CA ARG A 1218 -13.38 3.13 51.61
C ARG A 1218 -13.71 3.16 53.10
N GLU A 1219 -14.06 4.33 53.64
CA GLU A 1219 -14.42 4.55 55.03
C GLU A 1219 -13.25 4.28 55.99
N GLY A 1220 -12.14 3.74 55.51
CA GLY A 1220 -10.94 3.62 56.31
C GLY A 1220 -9.77 4.38 55.71
N ARG A 1221 -10.01 4.98 54.54
CA ARG A 1221 -9.00 5.72 53.81
C ARG A 1221 -9.59 7.03 53.29
N THR A 1222 -8.70 7.93 52.89
CA THR A 1222 -9.11 9.06 52.07
C THR A 1222 -9.64 8.53 50.74
N CYS A 1223 -10.78 9.06 50.30
CA CYS A 1223 -11.47 8.51 49.16
C CYS A 1223 -12.05 9.62 48.29
N ILE A 1224 -11.92 9.44 46.97
CA ILE A 1224 -12.57 10.30 45.98
C ILE A 1224 -13.33 9.39 45.03
N VAL A 1225 -14.65 9.50 45.03
CA VAL A 1225 -15.51 8.66 44.21
C VAL A 1225 -16.29 9.56 43.26
N ILE A 1226 -16.21 9.25 41.97
CA ILE A 1226 -16.95 9.99 40.95
C ILE A 1226 -18.04 9.12 40.32
N ALA A 1227 -18.41 8.03 40.98
CA ALA A 1227 -19.36 7.08 40.43
C ALA A 1227 -20.68 7.76 40.06
N HIS A 1228 -21.29 7.28 38.98
CA HIS A 1228 -22.51 7.87 38.45
C HIS A 1228 -23.78 7.39 39.16
N ARG A 1229 -23.64 6.49 40.14
CA ARG A 1229 -24.78 6.02 40.93
C ARG A 1229 -24.93 6.94 42.13
N LEU A 1230 -25.78 7.95 41.99
CA LEU A 1230 -26.01 8.88 43.09
C LEU A 1230 -26.79 8.25 44.23
N SER A 1231 -27.38 7.07 44.03
CA SER A 1231 -27.99 6.36 45.14
C SER A 1231 -26.94 5.81 46.10
N THR A 1232 -25.81 5.35 45.57
CA THR A 1232 -24.71 4.87 46.38
C THR A 1232 -23.82 5.99 46.90
N ILE A 1233 -24.08 7.23 46.48
CA ILE A 1233 -23.34 8.39 46.97
C ILE A 1233 -24.02 9.05 48.15
N GLN A 1234 -25.25 8.65 48.49
CA GLN A 1234 -26.00 9.30 49.55
C GLN A 1234 -25.23 9.27 50.87
N ASN A 1235 -24.66 8.12 51.22
CA ASN A 1235 -23.81 8.03 52.40
C ASN A 1235 -22.38 8.39 52.01
N ALA A 1236 -22.17 9.69 51.84
CA ALA A 1236 -20.84 10.25 51.60
C ALA A 1236 -20.65 11.46 52.50
N ASP A 1237 -19.40 11.67 52.93
CA ASP A 1237 -19.11 12.74 53.87
C ASP A 1237 -19.20 14.12 53.24
N LEU A 1238 -19.07 14.21 51.92
CA LEU A 1238 -19.15 15.50 51.23
C LEU A 1238 -19.39 15.24 49.76
N ILE A 1239 -20.47 15.78 49.22
CA ILE A 1239 -20.78 15.71 47.80
C ILE A 1239 -20.46 17.06 47.19
N VAL A 1240 -19.79 17.05 46.03
CA VAL A 1240 -19.38 18.27 45.35
C VAL A 1240 -19.92 18.22 43.92
N VAL A 1241 -20.56 19.30 43.50
CA VAL A 1241 -21.12 19.43 42.16
C VAL A 1241 -20.18 20.30 41.33
N ILE A 1242 -19.66 19.74 40.25
CA ILE A 1242 -18.74 20.45 39.36
C ILE A 1242 -19.53 21.06 38.22
N GLN A 1243 -19.29 22.35 37.95
CA GLN A 1243 -20.01 23.08 36.92
C GLN A 1243 -19.02 23.95 36.16
N ASN A 1244 -18.80 23.64 34.89
CA ASN A 1244 -17.90 24.41 34.02
C ASN A 1244 -16.48 24.47 34.58
N GLY A 1245 -16.05 23.41 35.26
CA GLY A 1245 -14.76 23.38 35.92
C GLY A 1245 -14.74 24.02 37.29
N LYS A 1246 -15.72 24.85 37.62
CA LYS A 1246 -15.86 25.42 38.95
C LYS A 1246 -16.73 24.52 39.80
N VAL A 1247 -16.43 24.48 41.10
CA VAL A 1247 -17.34 23.83 42.04
C VAL A 1247 -18.57 24.69 42.21
N LYS A 1248 -19.74 24.11 41.97
CA LYS A 1248 -20.99 24.87 42.03
C LYS A 1248 -21.66 24.70 43.40
N GLU A 1249 -22.14 23.50 43.69
CA GLU A 1249 -22.74 23.17 44.96
C GLU A 1249 -21.86 22.16 45.70
N HIS A 1250 -21.89 22.23 47.03
CA HIS A 1250 -21.20 21.21 47.81
C HIS A 1250 -21.77 21.18 49.22
N GLY A 1251 -21.63 20.03 49.85
CA GLY A 1251 -22.23 19.76 51.14
C GLY A 1251 -22.66 18.30 51.22
N THR A 1252 -23.04 17.89 52.43
CA THR A 1252 -23.49 16.52 52.61
C THR A 1252 -24.81 16.30 51.85
N HIS A 1253 -25.22 15.04 51.75
CA HIS A 1253 -26.34 14.67 50.88
C HIS A 1253 -27.60 15.45 51.23
N GLN A 1254 -28.05 15.32 52.48
CA GLN A 1254 -29.26 16.02 52.89
C GLN A 1254 -29.08 17.54 52.81
N GLN A 1255 -27.85 18.02 52.94
CA GLN A 1255 -27.58 19.45 52.84
C GLN A 1255 -27.82 19.94 51.42
N LEU A 1256 -27.29 19.22 50.43
CA LEU A 1256 -27.59 19.55 49.04
C LEU A 1256 -28.99 19.14 48.64
N LEU A 1257 -29.62 18.24 49.41
CA LEU A 1257 -31.03 17.92 49.19
C LEU A 1257 -31.93 18.98 49.80
N ALA A 1258 -31.51 19.59 50.90
CA ALA A 1258 -32.24 20.73 51.45
C ALA A 1258 -32.26 21.89 50.46
N GLN A 1259 -31.07 22.29 50.00
CA GLN A 1259 -30.99 23.16 48.84
C GLN A 1259 -31.66 22.48 47.65
N LYS A 1260 -32.17 23.28 46.73
CA LYS A 1260 -32.80 22.74 45.53
C LYS A 1260 -32.15 23.37 44.31
N GLY A 1261 -31.46 22.55 43.52
CA GLY A 1261 -30.70 23.02 42.39
C GLY A 1261 -30.12 21.89 41.58
N ILE A 1262 -28.82 21.94 41.27
CA ILE A 1262 -28.22 20.93 40.41
C ILE A 1262 -28.27 19.56 41.07
N TYR A 1263 -27.70 19.45 42.27
CA TYR A 1263 -27.66 18.14 42.93
C TYR A 1263 -29.06 17.61 43.19
N PHE A 1264 -29.99 18.48 43.61
CA PHE A 1264 -31.37 18.05 43.79
C PHE A 1264 -31.97 17.60 42.47
N SER A 1265 -31.60 18.26 41.37
CA SER A 1265 -32.06 17.83 40.05
C SER A 1265 -31.36 16.56 39.60
N MET A 1266 -30.09 16.38 39.97
CA MET A 1266 -29.37 15.16 39.62
C MET A 1266 -30.00 13.95 40.30
N VAL A 1267 -30.30 14.07 41.60
CA VAL A 1267 -30.87 12.94 42.34
C VAL A 1267 -32.30 12.68 41.91
N SER A 1268 -33.01 13.70 41.43
CA SER A 1268 -34.42 13.53 41.09
C SER A 1268 -34.59 12.90 39.71
N VAL A 1269 -33.72 13.21 38.75
CA VAL A 1269 -33.95 12.79 37.38
C VAL A 1269 -33.79 11.28 37.24
N GLN A 1270 -32.73 10.72 37.82
CA GLN A 1270 -32.47 9.30 37.66
C GLN A 1270 -33.09 8.44 38.77
N ALA A 1271 -33.63 9.07 39.83
CA ALA A 1271 -34.46 8.31 40.75
C ALA A 1271 -35.87 8.11 40.21
N GLY A 1272 -36.37 9.09 39.45
CA GLY A 1272 -37.64 8.96 38.77
C GLY A 1272 -37.55 8.08 37.55
N ALA A 1273 -36.47 8.24 36.79
CA ALA A 1273 -36.24 7.42 35.60
C ALA A 1273 -35.33 6.24 35.93
BR2 4C8 B . 35.74 -17.52 -14.80
CAF 4C8 B . 35.02 -18.12 -13.11
CAE 4C8 B . 34.89 -17.19 -12.08
CAD 4C8 B . 34.37 -17.58 -10.86
BR1 4C8 B . 34.20 -16.28 -9.44
CAC 4C8 B . 34.00 -18.90 -10.66
CAB 4C8 B . 34.12 -19.82 -11.68
BR3 4C8 B . 33.57 -21.65 -11.35
CAA 4C8 B . 34.65 -19.43 -12.91
OAJ 4C8 B . 34.78 -20.36 -13.96
CAK 4C8 B . 35.79 -21.29 -13.68
CAP 4C8 B . 35.64 -22.61 -14.07
BR4 4C8 B . 34.03 -23.16 -15.00
CAO 4C8 B . 36.64 -23.54 -13.81
CAN 4C8 B . 37.79 -23.14 -13.14
BR5 4C8 B . 39.19 -24.42 -12.77
CAM 4C8 B . 37.94 -21.82 -12.75
CAL 4C8 B . 36.94 -20.89 -13.02
BR2 4C8 C . 33.72 -14.91 -25.36
CAF 4C8 C . 34.33 -14.43 -23.58
CAE 4C8 C . 35.14 -15.30 -22.86
CAD 4C8 C . 35.55 -14.94 -21.60
BR1 4C8 C . 36.68 -16.16 -20.59
CAC 4C8 C . 35.18 -13.73 -21.04
CAB 4C8 C . 34.37 -12.87 -21.77
BR3 4C8 C . 33.82 -11.16 -21.01
CAA 4C8 C . 33.94 -13.22 -23.04
OAJ 4C8 C . 33.11 -12.36 -23.78
CAK 4C8 C . 31.76 -12.59 -23.45
CAP 4C8 C . 30.74 -11.87 -24.06
BR4 4C8 C . 31.08 -10.48 -25.38
CAO 4C8 C . 29.42 -12.12 -23.71
CAN 4C8 C . 29.12 -13.09 -22.78
BR5 4C8 C . 27.27 -13.44 -22.31
CAM 4C8 C . 30.13 -13.83 -22.18
CAL 4C8 C . 31.44 -13.57 -22.52
#